data_6SBR
#
_entry.id   6SBR
#
_cell.length_a   77.161
_cell.length_b   109.662
_cell.length_c   113.519
_cell.angle_alpha   90.000
_cell.angle_beta   90.000
_cell.angle_gamma   90.000
#
_symmetry.space_group_name_H-M   'P 21 21 21'
#
loop_
_entity.id
_entity.type
_entity.pdbx_description
1 polymer 'M1-family alanyl aminopeptidase'
2 non-polymer 'ZINC ION'
3 non-polymer [(7~{S})-1,4-bis(bromanyl)-6,6-bis(oxidanyl)-5,7,8,9-tetrahydrobenzo[7]annulen-7-yl]azanium
4 non-polymer 2-[3-(2-HYDROXY-1,1-DIHYDROXYMETHYL-ETHYLAMINO)-PROPYLAMINO]-2-HYDROXYMETHYL-PROPANE-1,3-DIOL
5 non-polymer GLYCEROL
6 non-polymer 'CHLORIDE ION'
7 water water
#
_entity_poly.entity_id   1
_entity_poly.type   'polypeptide(L)'
_entity_poly.pdbx_seq_one_letter_code
;MAHHHHHHVGTGSNDDDDKSPDPENLYFQSKKNEPKIHYRKDYKPSGFIINNVTLNINIHDNETIVRSVLDMDISKHNVG
EDLVFDGVGLKINEISINNKKLVEGEEYTYDNEFLTIFSKFVPKSKFAFSSEVIIHPETNYALTGLYKSKNIIVSQCEAT
GFRRITFFIDRPDMMAKYDVTVTADKEKYPVLLSNGDKVNEFEIPGGRHGARFNDPHLKPCYLFAVVAGDLKHLSATYIT
KYTKKKVELYVFSEEKYVSKLQWALECLKKSMAFDEDYFGLEYDLSRLNLVAVSDFNVGAMENKGLNIFNANSLLASKKN
SIDFSYARILTVVGHEYFHNYTGNRVTLRDWFQLTLKEGLTVHRENLFSEEMTKTVTTRLSHVDLLRSVQFLEDSSPLSH
PIRPESYVSMENFYTTTVYDKGSEVMRMYLTILGEEYYKKGFDIYIKKNDGNTATCEDFNYAMEQAYKMKKADNSANLNQ
YLLWFSQSGTPHVSFKYNYDAEKKQYSIHVNQYTKPDENQKEKKPLFIPISVGLINPENGKEMISQTTLELTKESDTFVF
NNIAVKPIPSLFRGFSAPVYIEDNLTDEERILLLKYDSDAFVRYNSCTNIYMKQILMNYNEFLKAKNEKLESFNLTPVNA
QFIDAIKYLLEDPHADAGFKSYIVSLPQDRYIINFVSNLDTDVLADTKEYIYKQIGDKLNDVYYKMFKSLEAKADDLTYF
NDESHVDFDQMNMRTLRNTLLSLLSKAQYPNILNEIIEHSKSPYPSNWLTSLSVSAYFDKYFELYDKTYKLSKDDELLLQ
EWLKTVSRSDRKDIYEILKKLENEVLKDSKNPNDIRAVYLPFTNNLRRFHDISGKGYKLIAEVITKTDKFNPMVATQLCE
PFKLWNKLDTKRQELMLNEMNTMLQEPNISNNLKEYLLRLTNKL
;
_entity_poly.pdbx_strand_id   A
#
# COMPACT_ATOMS: atom_id res chain seq x y z
N GLU A 34 -14.15 -20.10 -16.20
CA GLU A 34 -14.96 -20.91 -15.30
C GLU A 34 -14.09 -21.53 -14.19
N PRO A 35 -13.56 -20.69 -13.31
CA PRO A 35 -12.57 -21.17 -12.34
C PRO A 35 -13.20 -21.70 -11.06
N LYS A 36 -12.34 -22.25 -10.21
CA LYS A 36 -12.73 -22.64 -8.86
C LYS A 36 -12.88 -21.39 -8.00
N ILE A 37 -14.09 -21.15 -7.48
CA ILE A 37 -14.42 -19.94 -6.76
C ILE A 37 -14.77 -20.29 -5.32
N HIS A 38 -14.14 -19.61 -4.37
CA HIS A 38 -14.40 -19.77 -2.94
C HIS A 38 -15.32 -18.66 -2.45
N TYR A 39 -16.31 -19.03 -1.64
CA TYR A 39 -17.34 -18.10 -1.18
C TYR A 39 -17.32 -17.93 0.34
N ARG A 40 -17.46 -16.67 0.77
CA ARG A 40 -17.38 -16.36 2.20
C ARG A 40 -18.44 -17.11 2.99
N LYS A 41 -19.67 -17.18 2.44
CA LYS A 41 -20.77 -17.81 3.15
C LYS A 41 -20.56 -19.31 3.35
N ASP A 42 -19.68 -19.93 2.57
CA ASP A 42 -19.51 -21.37 2.62
C ASP A 42 -18.53 -21.83 3.72
N TYR A 43 -18.01 -20.93 4.55
CA TYR A 43 -16.98 -21.33 5.49
C TYR A 43 -17.48 -22.44 6.41
N LYS A 44 -16.65 -23.45 6.63
CA LYS A 44 -16.95 -24.46 7.64
CA LYS A 44 -16.94 -24.41 7.69
C LYS A 44 -15.64 -25.03 8.16
N PRO A 45 -15.56 -25.38 9.44
CA PRO A 45 -14.31 -25.92 9.97
C PRO A 45 -13.95 -27.25 9.35
N SER A 46 -12.65 -27.54 9.40
CA SER A 46 -12.11 -28.77 8.87
C SER A 46 -12.53 -29.96 9.70
N GLY A 47 -12.59 -31.12 9.04
CA GLY A 47 -12.77 -32.39 9.68
C GLY A 47 -11.52 -32.95 10.32
N PHE A 48 -10.41 -32.22 10.22
CA PHE A 48 -9.13 -32.64 10.76
C PHE A 48 -8.52 -31.53 11.58
N ILE A 49 -7.53 -31.94 12.37
CA ILE A 49 -6.74 -31.07 13.22
C ILE A 49 -5.27 -31.41 12.97
N ILE A 50 -4.44 -30.38 12.88
CA ILE A 50 -2.98 -30.53 12.83
C ILE A 50 -2.43 -29.84 14.07
N ASN A 51 -1.87 -30.62 14.99
CA ASN A 51 -1.42 -30.04 16.25
C ASN A 51 0.06 -29.67 16.22
N ASN A 52 0.89 -30.48 15.55
CA ASN A 52 2.30 -30.17 15.47
C ASN A 52 2.82 -30.46 14.07
N VAL A 53 3.83 -29.67 13.68
CA VAL A 53 4.51 -29.75 12.40
C VAL A 53 5.98 -29.88 12.72
N THR A 54 6.61 -30.95 12.26
CA THR A 54 8.05 -31.17 12.46
C THR A 54 8.66 -31.26 11.07
N LEU A 55 9.48 -30.27 10.71
CA LEU A 55 10.06 -30.16 9.39
C LEU A 55 11.56 -30.38 9.43
N ASN A 56 12.08 -31.03 8.38
CA ASN A 56 13.50 -31.09 8.08
C ASN A 56 13.66 -30.60 6.65
N ILE A 57 14.30 -29.46 6.48
CA ILE A 57 14.47 -28.83 5.18
C ILE A 57 15.94 -28.91 4.84
N ASN A 58 16.28 -29.75 3.86
CA ASN A 58 17.67 -30.05 3.51
C ASN A 58 17.99 -29.46 2.16
N ILE A 59 18.74 -28.37 2.16
CA ILE A 59 19.01 -27.58 0.95
C ILE A 59 20.26 -28.11 0.27
N HIS A 60 20.13 -28.43 -1.02
CA HIS A 60 21.25 -28.79 -1.87
C HIS A 60 21.24 -27.91 -3.12
N ASP A 61 22.32 -27.98 -3.90
CA ASP A 61 22.46 -27.08 -5.04
C ASP A 61 21.31 -27.26 -6.04
N ASN A 62 20.93 -28.50 -6.32
CA ASN A 62 19.98 -28.76 -7.41
C ASN A 62 18.69 -29.42 -6.91
N GLU A 63 18.44 -29.37 -5.61
CA GLU A 63 17.20 -29.85 -5.04
C GLU A 63 17.21 -29.51 -3.56
N THR A 64 16.02 -29.34 -3.00
CA THR A 64 15.82 -29.24 -1.57
C THR A 64 14.86 -30.35 -1.17
N ILE A 65 15.27 -31.15 -0.19
CA ILE A 65 14.47 -32.26 0.31
CA ILE A 65 14.48 -32.26 0.33
C ILE A 65 13.72 -31.78 1.56
N VAL A 66 12.41 -31.98 1.56
CA VAL A 66 11.56 -31.56 2.67
C VAL A 66 10.92 -32.79 3.28
N ARG A 67 11.30 -33.09 4.52
CA ARG A 67 10.66 -34.12 5.33
CA ARG A 67 10.65 -34.12 5.33
C ARG A 67 9.76 -33.43 6.34
N SER A 68 8.55 -33.95 6.50
CA SER A 68 7.56 -33.34 7.37
C SER A 68 6.73 -34.39 8.06
N VAL A 69 6.58 -34.24 9.37
CA VAL A 69 5.69 -35.07 10.18
C VAL A 69 4.61 -34.16 10.71
N LEU A 70 3.36 -34.51 10.44
CA LEU A 70 2.20 -33.80 10.95
C LEU A 70 1.53 -34.67 12.00
N ASP A 71 1.47 -34.18 13.23
CA ASP A 71 0.73 -34.87 14.28
C ASP A 71 -0.72 -34.39 14.21
N MET A 72 -1.61 -35.31 13.85
CA MET A 72 -2.97 -34.96 13.45
C MET A 72 -4.01 -35.64 14.33
N ASP A 73 -5.24 -35.17 14.19
CA ASP A 73 -6.37 -35.72 14.91
C ASP A 73 -7.61 -35.49 14.07
N ILE A 74 -8.68 -36.17 14.46
CA ILE A 74 -10.00 -36.05 13.85
C ILE A 74 -10.80 -35.02 14.63
N SER A 75 -11.38 -34.05 13.94
CA SER A 75 -12.16 -33.03 14.62
C SER A 75 -13.60 -33.47 14.83
N LYS A 76 -14.33 -32.72 15.66
CA LYS A 76 -15.74 -33.02 15.89
C LYS A 76 -16.60 -32.77 14.66
N HIS A 77 -16.06 -32.09 13.64
CA HIS A 77 -16.79 -31.83 12.41
C HIS A 77 -16.56 -32.91 11.36
N ASN A 78 -15.68 -33.87 11.65
CA ASN A 78 -15.39 -34.95 10.72
C ASN A 78 -16.63 -35.80 10.46
N VAL A 79 -16.81 -36.18 9.19
CA VAL A 79 -17.93 -37.02 8.76
C VAL A 79 -17.41 -38.21 7.96
N GLY A 80 -16.17 -38.62 8.23
CA GLY A 80 -15.59 -39.75 7.54
C GLY A 80 -15.05 -39.46 6.16
N GLU A 81 -14.75 -38.20 5.88
CA GLU A 81 -14.31 -37.81 4.55
C GLU A 81 -12.88 -38.26 4.28
N ASP A 82 -12.53 -38.33 3.00
CA ASP A 82 -11.14 -38.47 2.61
C ASP A 82 -10.31 -37.36 3.24
N LEU A 83 -9.04 -37.65 3.49
CA LEU A 83 -8.07 -36.66 3.94
C LEU A 83 -7.40 -36.05 2.72
N VAL A 84 -7.67 -34.78 2.46
CA VAL A 84 -7.15 -34.08 1.30
C VAL A 84 -6.19 -32.99 1.77
N PHE A 85 -4.94 -33.08 1.32
CA PHE A 85 -3.94 -32.06 1.56
C PHE A 85 -3.73 -31.20 0.31
N ASP A 86 -3.47 -29.91 0.53
CA ASP A 86 -2.92 -29.07 -0.52
C ASP A 86 -1.46 -29.41 -0.71
N GLY A 87 -1.03 -29.49 -1.96
CA GLY A 87 0.36 -29.67 -2.27
C GLY A 87 0.58 -29.39 -3.74
N VAL A 88 1.29 -28.32 -4.05
CA VAL A 88 1.38 -27.81 -5.42
C VAL A 88 2.80 -27.95 -5.93
N GLY A 89 2.97 -28.74 -6.98
CA GLY A 89 4.27 -28.86 -7.60
C GLY A 89 5.29 -29.65 -6.82
N LEU A 90 4.84 -30.51 -5.89
CA LEU A 90 5.74 -31.32 -5.09
C LEU A 90 6.04 -32.62 -5.82
N LYS A 91 7.27 -33.11 -5.68
CA LYS A 91 7.67 -34.42 -6.17
CA LYS A 91 7.67 -34.42 -6.17
C LYS A 91 7.72 -35.36 -4.98
N ILE A 92 6.87 -36.37 -4.97
CA ILE A 92 6.75 -37.26 -3.82
C ILE A 92 7.85 -38.29 -3.87
N ASN A 93 8.62 -38.39 -2.77
CA ASN A 93 9.47 -39.56 -2.56
C ASN A 93 8.73 -40.64 -1.79
N GLU A 94 8.04 -40.26 -0.71
CA GLU A 94 7.19 -41.20 0.01
C GLU A 94 6.24 -40.42 0.91
N ILE A 95 5.10 -41.04 1.20
CA ILE A 95 4.21 -40.53 2.20
C ILE A 95 3.74 -41.70 3.06
N SER A 96 3.43 -41.42 4.32
CA SER A 96 3.17 -42.46 5.30
C SER A 96 2.10 -42.00 6.27
N ILE A 97 1.37 -42.96 6.83
CA ILE A 97 0.59 -42.75 8.04
C ILE A 97 1.10 -43.71 9.09
N ASN A 98 1.43 -43.18 10.26
CA ASN A 98 1.97 -43.97 11.38
C ASN A 98 3.12 -44.86 10.92
N ASN A 99 4.04 -44.26 10.16
CA ASN A 99 5.30 -44.91 9.79
C ASN A 99 5.11 -46.15 8.93
N LYS A 100 3.99 -46.22 8.22
CA LYS A 100 3.77 -47.19 7.17
C LYS A 100 3.50 -46.43 5.88
N LYS A 101 4.31 -46.70 4.85
CA LYS A 101 4.14 -45.96 3.61
C LYS A 101 2.78 -46.27 2.98
N LEU A 102 2.13 -45.22 2.51
CA LEU A 102 0.92 -45.35 1.72
C LEU A 102 1.28 -45.71 0.28
N VAL A 103 0.35 -46.42 -0.36
CA VAL A 103 0.58 -46.96 -1.70
C VAL A 103 -0.21 -46.13 -2.70
N GLU A 104 0.50 -45.60 -3.70
CA GLU A 104 -0.14 -44.79 -4.72
C GLU A 104 -1.18 -45.60 -5.48
N GLY A 105 -2.29 -44.94 -5.82
CA GLY A 105 -3.37 -45.57 -6.53
C GLY A 105 -4.31 -46.32 -5.64
N GLU A 106 -3.77 -47.27 -4.86
CA GLU A 106 -4.59 -48.08 -3.98
CA GLU A 106 -4.59 -48.08 -3.98
C GLU A 106 -5.06 -47.28 -2.77
N GLU A 107 -4.19 -46.43 -2.22
CA GLU A 107 -4.48 -45.73 -0.97
C GLU A 107 -4.46 -44.21 -1.10
N TYR A 108 -3.80 -43.66 -2.11
CA TYR A 108 -3.84 -42.23 -2.32
C TYR A 108 -3.68 -41.91 -3.79
N THR A 109 -4.08 -40.69 -4.17
CA THR A 109 -3.79 -40.13 -5.47
C THR A 109 -3.27 -38.71 -5.28
N TYR A 110 -2.38 -38.29 -6.18
CA TYR A 110 -1.81 -36.96 -6.17
C TYR A 110 -1.84 -36.43 -7.60
N ASP A 111 -2.38 -35.22 -7.77
CA ASP A 111 -2.56 -34.64 -9.11
C ASP A 111 -1.78 -33.35 -9.29
N ASN A 112 -0.73 -33.14 -8.49
CA ASN A 112 0.12 -31.96 -8.50
CA ASN A 112 0.11 -31.96 -8.50
C ASN A 112 -0.56 -30.74 -7.88
N GLU A 113 -1.74 -30.91 -7.29
CA GLU A 113 -2.42 -29.82 -6.59
C GLU A 113 -3.00 -30.30 -5.27
N PHE A 114 -3.59 -31.49 -5.28
CA PHE A 114 -4.20 -32.08 -4.11
C PHE A 114 -3.73 -33.52 -3.94
N LEU A 115 -3.38 -33.85 -2.71
CA LEU A 115 -3.10 -35.21 -2.29
C LEU A 115 -4.32 -35.75 -1.57
N THR A 116 -4.94 -36.78 -2.12
CA THR A 116 -6.14 -37.39 -1.57
C THR A 116 -5.78 -38.75 -0.99
N ILE A 117 -6.03 -38.92 0.30
CA ILE A 117 -5.86 -40.20 0.98
C ILE A 117 -7.26 -40.73 1.27
N PHE A 118 -7.58 -41.90 0.72
CA PHE A 118 -8.94 -42.39 0.82
C PHE A 118 -9.30 -42.70 2.26
N SER A 119 -10.53 -42.36 2.64
CA SER A 119 -10.94 -42.39 4.03
C SER A 119 -10.76 -43.78 4.64
N LYS A 120 -10.88 -44.82 3.83
CA LYS A 120 -10.68 -46.19 4.29
C LYS A 120 -9.34 -46.35 5.00
N PHE A 121 -8.36 -45.51 4.67
CA PHE A 121 -7.01 -45.61 5.19
C PHE A 121 -6.66 -44.50 6.17
N VAL A 122 -7.63 -43.69 6.55
CA VAL A 122 -7.43 -42.58 7.47
C VAL A 122 -7.81 -43.04 8.86
N PRO A 123 -6.93 -42.94 9.85
CA PRO A 123 -7.29 -43.37 11.20
C PRO A 123 -8.46 -42.56 11.76
N LYS A 124 -9.10 -43.13 12.78
CA LYS A 124 -10.24 -42.50 13.43
C LYS A 124 -9.87 -41.76 14.70
N SER A 125 -8.59 -41.77 15.07
CA SER A 125 -8.10 -41.06 16.24
C SER A 125 -6.73 -40.48 15.88
N LYS A 126 -6.02 -39.98 16.89
CA LYS A 126 -4.75 -39.32 16.65
CA LYS A 126 -4.74 -39.32 16.66
C LYS A 126 -3.81 -40.21 15.84
N PHE A 127 -3.13 -39.59 14.88
CA PHE A 127 -2.26 -40.29 13.97
C PHE A 127 -1.22 -39.30 13.46
N ALA A 128 -0.14 -39.84 12.93
CA ALA A 128 0.92 -39.05 12.32
C ALA A 128 0.91 -39.27 10.82
N PHE A 129 0.93 -38.18 10.06
CA PHE A 129 1.13 -38.22 8.62
C PHE A 129 2.55 -37.70 8.37
N SER A 130 3.30 -38.41 7.54
CA SER A 130 4.64 -37.95 7.22
C SER A 130 4.88 -38.05 5.72
N SER A 131 5.82 -37.25 5.24
CA SER A 131 6.08 -37.22 3.82
C SER A 131 7.51 -36.75 3.61
N GLU A 132 8.04 -37.12 2.44
CA GLU A 132 9.31 -36.59 1.94
C GLU A 132 9.07 -36.16 0.50
N VAL A 133 9.32 -34.89 0.21
CA VAL A 133 9.13 -34.36 -1.14
C VAL A 133 10.39 -33.62 -1.58
N ILE A 134 10.52 -33.46 -2.89
CA ILE A 134 11.59 -32.68 -3.49
CA ILE A 134 11.59 -32.69 -3.50
C ILE A 134 11.00 -31.43 -4.12
N ILE A 135 11.64 -30.29 -3.86
CA ILE A 135 11.30 -29.00 -4.45
C ILE A 135 12.59 -28.36 -4.96
N HIS A 136 12.45 -27.28 -5.72
CA HIS A 136 13.56 -26.67 -6.45
C HIS A 136 13.54 -25.17 -6.30
N PRO A 137 13.98 -24.65 -5.16
CA PRO A 137 13.98 -23.19 -4.98
C PRO A 137 14.85 -22.48 -5.99
N GLU A 138 15.86 -23.16 -6.51
CA GLU A 138 16.81 -22.54 -7.44
C GLU A 138 16.19 -22.21 -8.80
N THR A 139 15.05 -22.82 -9.17
CA THR A 139 14.35 -22.44 -10.38
C THR A 139 12.98 -21.82 -10.10
N ASN A 140 12.73 -21.40 -8.87
CA ASN A 140 11.41 -20.88 -8.48
C ASN A 140 11.42 -19.37 -8.67
N TYR A 141 11.15 -18.94 -9.90
CA TYR A 141 11.16 -17.52 -10.24
C TYR A 141 9.87 -16.81 -9.88
N ALA A 142 8.87 -17.54 -9.39
CA ALA A 142 7.61 -16.91 -9.01
C ALA A 142 7.65 -16.33 -7.60
N LEU A 143 8.70 -16.64 -6.83
CA LEU A 143 8.95 -16.07 -5.51
C LEU A 143 7.81 -16.37 -4.54
N THR A 144 7.21 -17.54 -4.67
CA THR A 144 6.17 -18.03 -3.77
C THR A 144 6.58 -19.43 -3.33
N GLY A 145 6.36 -19.76 -2.06
CA GLY A 145 6.95 -20.97 -1.51
C GLY A 145 8.41 -20.78 -1.12
N LEU A 146 9.26 -21.77 -1.40
CA LEU A 146 10.68 -21.68 -1.10
C LEU A 146 11.43 -21.31 -2.38
N TYR A 147 12.25 -20.27 -2.33
CA TYR A 147 12.91 -19.82 -3.53
C TYR A 147 14.29 -19.24 -3.23
N LYS A 148 15.04 -19.00 -4.30
CA LYS A 148 16.38 -18.45 -4.21
CA LYS A 148 16.39 -18.45 -4.22
C LYS A 148 16.34 -17.00 -4.68
N SER A 149 16.84 -16.10 -3.84
CA SER A 149 16.97 -14.68 -4.16
C SER A 149 18.47 -14.37 -4.13
N LYS A 150 19.06 -14.22 -5.31
CA LYS A 150 20.51 -14.06 -5.39
CA LYS A 150 20.51 -14.09 -5.42
C LYS A 150 21.14 -15.26 -4.68
N ASN A 151 21.87 -15.03 -3.58
CA ASN A 151 22.51 -16.14 -2.88
C ASN A 151 21.84 -16.48 -1.55
N ILE A 152 20.59 -16.09 -1.38
CA ILE A 152 19.81 -16.38 -0.18
C ILE A 152 18.66 -17.32 -0.55
N ILE A 153 18.44 -18.34 0.28
CA ILE A 153 17.25 -19.15 0.19
C ILE A 153 16.23 -18.58 1.17
N VAL A 154 14.99 -18.37 0.71
CA VAL A 154 13.99 -17.70 1.52
C VAL A 154 12.62 -18.23 1.14
N SER A 155 11.68 -18.19 2.08
CA SER A 155 10.30 -18.56 1.81
C SER A 155 9.38 -17.35 1.81
N GLN A 156 8.26 -17.50 1.09
CA GLN A 156 7.12 -16.58 1.18
C GLN A 156 5.87 -17.46 1.11
N CYS A 157 5.11 -17.52 2.20
CA CYS A 157 4.00 -18.45 2.27
C CYS A 157 2.62 -17.83 2.26
N GLU A 158 2.46 -16.54 2.55
CA GLU A 158 1.14 -15.93 2.45
C GLU A 158 0.81 -15.68 0.97
N ALA A 159 -0.40 -16.04 0.54
N ALA A 159 -0.38 -16.08 0.51
CA ALA A 159 -1.47 -16.58 1.36
CA ALA A 159 -1.43 -16.72 1.28
C ALA A 159 -1.41 -18.10 1.41
C ALA A 159 -1.44 -18.24 1.11
N THR A 160 -1.17 -18.72 0.25
N THR A 160 -0.98 -18.71 -0.05
CA THR A 160 -1.32 -20.15 0.05
CA THR A 160 -1.03 -20.12 -0.40
C THR A 160 -0.06 -20.75 -0.57
C THR A 160 0.35 -20.67 -0.78
N GLY A 161 1.10 -20.29 -0.12
N GLY A 161 1.40 -20.12 -0.16
CA GLY A 161 2.36 -20.78 -0.62
CA GLY A 161 2.74 -20.57 -0.47
C GLY A 161 2.99 -21.93 0.15
C GLY A 161 3.20 -21.80 0.27
N PHE A 162 2.60 -22.12 1.42
CA PHE A 162 3.15 -23.23 2.21
C PHE A 162 2.96 -24.56 1.49
N ARG A 163 1.83 -24.71 0.78
CA ARG A 163 1.56 -25.93 0.03
C ARG A 163 2.53 -26.16 -1.12
N ARG A 164 3.37 -25.16 -1.47
CA ARG A 164 4.44 -25.34 -2.45
C ARG A 164 5.73 -25.82 -1.81
N ILE A 165 5.75 -25.95 -0.48
CA ILE A 165 6.89 -26.46 0.25
C ILE A 165 6.64 -27.88 0.74
N THR A 166 5.44 -28.16 1.25
CA THR A 166 5.09 -29.50 1.69
C THR A 166 3.57 -29.61 1.77
N PHE A 167 3.10 -30.82 2.00
CA PHE A 167 1.67 -31.06 2.12
C PHE A 167 1.10 -30.43 3.37
N PHE A 168 -0.08 -29.84 3.24
CA PHE A 168 -0.73 -29.24 4.40
C PHE A 168 -2.19 -29.00 4.07
N ILE A 169 -2.99 -28.81 5.11
CA ILE A 169 -4.34 -28.25 4.95
C ILE A 169 -4.15 -26.74 5.05
N ASP A 170 -3.92 -26.11 3.91
CA ASP A 170 -3.27 -24.79 3.83
C ASP A 170 -4.36 -23.72 3.86
N ARG A 171 -4.81 -23.44 5.07
CA ARG A 171 -5.85 -22.46 5.37
C ARG A 171 -5.59 -21.95 6.77
N PRO A 172 -5.92 -20.67 7.04
CA PRO A 172 -5.41 -20.05 8.27
C PRO A 172 -6.07 -20.53 9.55
N ASP A 173 -7.16 -21.31 9.50
CA ASP A 173 -7.74 -21.82 10.73
C ASP A 173 -7.12 -23.14 11.18
N MET A 174 -6.10 -23.64 10.47
CA MET A 174 -5.40 -24.86 10.87
C MET A 174 -4.14 -24.43 11.62
N MET A 175 -4.28 -24.23 12.92
N MET A 175 -4.32 -24.21 12.92
CA MET A 175 -3.19 -23.70 13.73
CA MET A 175 -3.26 -23.77 13.81
C MET A 175 -2.44 -24.82 14.44
C MET A 175 -2.41 -24.95 14.26
N ALA A 176 -1.11 -24.73 14.41
CA ALA A 176 -0.23 -25.77 14.89
C ALA A 176 1.05 -25.17 15.46
N LYS A 177 1.79 -26.00 16.20
CA LYS A 177 3.12 -25.67 16.69
C LYS A 177 4.19 -26.28 15.81
N TYR A 178 5.28 -25.55 15.60
CA TYR A 178 6.28 -25.84 14.57
C TYR A 178 7.65 -26.13 15.17
N ASP A 179 8.24 -27.24 14.75
CA ASP A 179 9.59 -27.69 15.10
C ASP A 179 10.33 -27.82 13.77
N VAL A 180 11.25 -26.91 13.48
CA VAL A 180 11.83 -26.81 12.13
C VAL A 180 13.35 -26.94 12.19
N THR A 181 13.88 -27.91 11.44
CA THR A 181 15.31 -28.06 11.22
C THR A 181 15.64 -27.68 9.78
N VAL A 182 16.69 -26.89 9.60
CA VAL A 182 17.22 -26.52 8.27
CA VAL A 182 17.20 -26.59 8.26
C VAL A 182 18.67 -27.00 8.22
N THR A 183 19.06 -27.59 7.09
CA THR A 183 20.44 -28.01 6.87
C THR A 183 20.87 -27.51 5.49
N ALA A 184 22.17 -27.27 5.37
CA ALA A 184 22.72 -26.67 4.16
C ALA A 184 24.24 -26.72 4.23
N ASP A 185 24.86 -26.50 3.08
CA ASP A 185 26.30 -26.25 3.02
C ASP A 185 26.67 -25.06 3.89
N LYS A 186 27.67 -25.25 4.76
CA LYS A 186 27.98 -24.22 5.76
C LYS A 186 28.70 -23.04 5.13
N GLU A 187 29.57 -23.28 4.15
CA GLU A 187 30.25 -22.17 3.50
C GLU A 187 29.27 -21.27 2.75
N LYS A 188 28.32 -21.85 2.02
CA LYS A 188 27.38 -21.04 1.26
C LYS A 188 26.29 -20.43 2.13
N TYR A 189 25.88 -21.15 3.19
CA TYR A 189 24.70 -20.81 3.97
C TYR A 189 25.02 -20.84 5.46
N PRO A 190 25.90 -19.94 5.92
CA PRO A 190 26.32 -19.99 7.34
C PRO A 190 25.25 -19.57 8.31
N VAL A 191 24.27 -18.79 7.87
CA VAL A 191 23.18 -18.30 8.70
C VAL A 191 21.91 -19.05 8.31
N LEU A 192 21.34 -19.76 9.28
CA LEU A 192 20.09 -20.48 9.12
C LEU A 192 19.07 -19.94 10.11
N LEU A 193 17.85 -19.67 9.62
CA LEU A 193 16.81 -19.08 10.44
C LEU A 193 15.45 -19.72 10.16
N SER A 194 14.67 -19.91 11.22
CA SER A 194 13.24 -20.18 11.09
C SER A 194 12.57 -19.55 12.32
N ASN A 195 11.26 -19.73 12.43
CA ASN A 195 10.51 -19.04 13.47
C ASN A 195 10.89 -19.52 14.87
N GLY A 196 11.07 -18.58 15.80
CA GLY A 196 11.12 -18.92 17.20
C GLY A 196 12.50 -19.19 17.76
N ASP A 197 12.52 -19.92 18.87
CA ASP A 197 13.75 -20.17 19.61
C ASP A 197 14.68 -21.09 18.85
N LYS A 198 15.95 -20.74 18.77
CA LYS A 198 16.94 -21.67 18.24
C LYS A 198 17.33 -22.63 19.34
N VAL A 199 17.05 -23.92 19.18
CA VAL A 199 17.28 -24.89 20.25
C VAL A 199 18.47 -25.78 20.01
N ASN A 200 19.03 -25.80 18.80
N ASN A 200 19.04 -25.79 18.80
CA ASN A 200 20.20 -26.63 18.56
CA ASN A 200 20.23 -26.57 18.56
C ASN A 200 20.90 -26.18 17.29
C ASN A 200 20.86 -26.15 17.25
N GLU A 201 22.21 -26.30 17.30
N GLU A 201 22.17 -26.37 17.15
CA GLU A 201 23.06 -26.13 16.13
CA GLU A 201 22.92 -26.16 15.92
C GLU A 201 23.97 -27.36 16.05
C GLU A 201 24.03 -27.20 15.90
N PHE A 202 24.27 -27.80 14.84
N PHE A 202 24.16 -27.92 14.78
CA PHE A 202 25.07 -29.02 14.73
CA PHE A 202 25.02 -29.08 14.72
C PHE A 202 25.76 -29.11 13.39
C PHE A 202 25.74 -29.15 13.38
N GLU A 203 26.90 -29.80 13.39
CA GLU A 203 27.69 -30.05 12.20
C GLU A 203 27.24 -31.35 11.56
N ILE A 204 27.40 -31.41 10.25
CA ILE A 204 26.98 -32.57 9.45
C ILE A 204 28.14 -32.94 8.53
N PRO A 205 28.42 -34.22 8.32
CA PRO A 205 29.51 -34.57 7.41
C PRO A 205 29.33 -33.93 6.04
N GLY A 206 30.47 -33.71 5.38
CA GLY A 206 30.45 -33.19 4.03
C GLY A 206 30.31 -31.69 3.94
N GLY A 207 30.75 -30.96 4.96
CA GLY A 207 30.71 -29.51 4.92
C GLY A 207 29.37 -28.90 5.18
N ARG A 208 28.42 -29.66 5.71
CA ARG A 208 27.08 -29.16 5.97
C ARG A 208 26.92 -28.83 7.45
N HIS A 209 25.82 -28.15 7.77
CA HIS A 209 25.46 -27.92 9.16
C HIS A 209 23.95 -27.72 9.24
N GLY A 210 23.45 -27.68 10.46
CA GLY A 210 22.01 -27.53 10.66
C GLY A 210 21.70 -26.73 11.89
N ALA A 211 20.45 -26.26 11.93
CA ALA A 211 19.92 -25.51 13.04
C ALA A 211 18.47 -25.88 13.22
N ARG A 212 18.04 -25.93 14.48
CA ARG A 212 16.71 -26.38 14.84
C ARG A 212 16.03 -25.28 15.65
N PHE A 213 14.78 -25.03 15.32
CA PHE A 213 13.97 -23.95 15.87
C PHE A 213 12.69 -24.53 16.43
N ASN A 214 12.22 -23.93 17.52
CA ASN A 214 10.94 -24.26 18.13
C ASN A 214 10.15 -22.97 18.25
N ASP A 215 8.99 -22.91 17.63
CA ASP A 215 8.10 -21.77 17.81
C ASP A 215 6.96 -22.21 18.70
N PRO A 216 6.88 -21.70 19.93
CA PRO A 216 5.87 -22.20 20.87
C PRO A 216 4.47 -21.66 20.63
N HIS A 217 4.31 -20.67 19.76
CA HIS A 217 3.01 -20.04 19.55
C HIS A 217 2.29 -20.73 18.41
N LEU A 218 1.06 -21.18 18.67
CA LEU A 218 0.24 -21.76 17.62
CA LEU A 218 0.26 -21.77 17.62
C LEU A 218 0.14 -20.77 16.47
N LYS A 219 0.26 -21.26 15.25
CA LYS A 219 0.15 -20.35 14.12
C LYS A 219 -0.39 -21.08 12.91
N PRO A 220 -1.04 -20.35 12.01
CA PRO A 220 -1.30 -20.87 10.66
C PRO A 220 -0.02 -20.97 9.86
N CYS A 221 -0.08 -21.79 8.81
CA CYS A 221 1.12 -22.06 8.03
C CYS A 221 1.57 -20.87 7.19
N TYR A 222 0.69 -19.90 6.90
CA TYR A 222 1.15 -18.74 6.13
C TYR A 222 2.16 -17.91 6.91
N LEU A 223 2.33 -18.14 8.22
CA LEU A 223 3.31 -17.41 9.02
C LEU A 223 4.60 -18.19 9.21
N PHE A 224 4.72 -19.37 8.62
CA PHE A 224 5.98 -20.08 8.61
C PHE A 224 7.00 -19.37 7.73
N ALA A 225 8.27 -19.38 8.15
CA ALA A 225 9.32 -18.92 7.26
C ALA A 225 10.65 -19.60 7.56
N VAL A 226 11.50 -19.65 6.53
CA VAL A 226 12.87 -20.10 6.66
CA VAL A 226 12.87 -20.11 6.64
C VAL A 226 13.76 -19.22 5.78
N VAL A 227 15.00 -19.03 6.25
CA VAL A 227 16.02 -18.25 5.53
C VAL A 227 17.35 -18.98 5.68
N ALA A 228 18.11 -19.07 4.59
CA ALA A 228 19.48 -19.55 4.66
C ALA A 228 20.34 -18.64 3.79
N GLY A 229 21.44 -18.15 4.33
CA GLY A 229 22.32 -17.32 3.52
C GLY A 229 23.58 -16.90 4.24
N ASP A 230 24.46 -16.24 3.48
CA ASP A 230 25.67 -15.61 4.04
C ASP A 230 25.31 -14.19 4.46
N LEU A 231 24.60 -14.10 5.56
CA LEU A 231 24.00 -12.86 6.01
C LEU A 231 24.86 -12.21 7.08
N LYS A 232 24.93 -10.89 7.03
CA LYS A 232 25.54 -10.07 8.06
C LYS A 232 24.42 -9.34 8.79
N HIS A 233 24.73 -8.84 9.99
CA HIS A 233 23.65 -8.27 10.79
C HIS A 233 24.12 -7.12 11.66
N LEU A 234 23.12 -6.34 12.08
CA LEU A 234 23.22 -5.41 13.20
CA LEU A 234 23.22 -5.40 13.20
C LEU A 234 22.25 -5.88 14.28
N SER A 235 22.62 -5.66 15.54
CA SER A 235 21.76 -6.16 16.60
C SER A 235 21.68 -5.17 17.76
N ALA A 236 20.62 -5.33 18.54
CA ALA A 236 20.41 -4.55 19.75
C ALA A 236 19.59 -5.39 20.72
N THR A 237 19.57 -4.95 21.97
CA THR A 237 18.76 -5.57 23.01
C THR A 237 17.68 -4.59 23.44
N TYR A 238 16.42 -5.03 23.39
CA TYR A 238 15.27 -4.25 23.81
C TYR A 238 14.73 -4.85 25.09
N ILE A 239 14.38 -4.00 26.05
CA ILE A 239 13.79 -4.44 27.31
C ILE A 239 12.35 -3.95 27.34
N THR A 240 11.40 -4.89 27.42
CA THR A 240 10.00 -4.51 27.35
C THR A 240 9.60 -3.66 28.56
N LYS A 241 8.54 -2.87 28.36
CA LYS A 241 8.22 -1.81 29.30
CA LYS A 241 8.22 -1.80 29.30
C LYS A 241 7.68 -2.35 30.62
N TYR A 242 6.83 -3.36 30.55
CA TYR A 242 6.10 -3.81 31.73
CA TYR A 242 6.09 -3.81 31.73
C TYR A 242 6.68 -5.07 32.35
N THR A 243 6.95 -6.10 31.54
CA THR A 243 7.50 -7.34 32.06
C THR A 243 9.02 -7.37 32.07
N LYS A 244 9.67 -6.35 31.51
CA LYS A 244 11.14 -6.24 31.57
C LYS A 244 11.78 -7.48 30.95
N LYS A 245 11.18 -7.98 29.89
CA LYS A 245 11.74 -9.09 29.12
C LYS A 245 12.83 -8.55 28.20
N LYS A 246 13.95 -9.26 28.15
CA LYS A 246 15.02 -8.92 27.22
C LYS A 246 14.74 -9.57 25.87
N VAL A 247 14.71 -8.75 24.83
CA VAL A 247 14.44 -9.20 23.47
C VAL A 247 15.63 -8.83 22.60
N GLU A 248 16.20 -9.82 21.93
CA GLU A 248 17.30 -9.60 21.01
CA GLU A 248 17.31 -9.59 21.01
C GLU A 248 16.73 -9.25 19.64
N LEU A 249 17.13 -8.10 19.11
CA LEU A 249 16.69 -7.62 17.81
C LEU A 249 17.84 -7.75 16.83
N TYR A 250 17.57 -8.40 15.71
CA TYR A 250 18.56 -8.57 14.65
C TYR A 250 17.98 -8.12 13.32
N VAL A 251 18.76 -7.37 12.56
CA VAL A 251 18.43 -7.01 11.19
CA VAL A 251 18.44 -7.01 11.18
C VAL A 251 19.55 -7.56 10.30
N PHE A 252 19.15 -8.25 9.22
CA PHE A 252 20.08 -8.97 8.36
C PHE A 252 20.02 -8.50 6.92
N SER A 253 21.18 -8.52 6.25
CA SER A 253 21.23 -8.38 4.81
C SER A 253 22.48 -9.10 4.29
N GLU A 254 22.60 -9.15 2.96
CA GLU A 254 23.86 -9.57 2.36
C GLU A 254 24.96 -8.60 2.76
N GLU A 255 26.20 -9.10 2.71
CA GLU A 255 27.34 -8.37 3.27
C GLU A 255 27.52 -7.00 2.63
N LYS A 256 27.29 -6.89 1.32
CA LYS A 256 27.54 -5.63 0.63
C LYS A 256 26.73 -4.48 1.23
N TYR A 257 25.57 -4.76 1.82
CA TYR A 257 24.63 -3.72 2.20
C TYR A 257 24.44 -3.64 3.71
N VAL A 258 25.33 -4.24 4.48
CA VAL A 258 25.18 -4.24 5.94
C VAL A 258 25.17 -2.82 6.48
N SER A 259 25.89 -1.90 5.85
CA SER A 259 25.88 -0.51 6.28
C SER A 259 24.53 0.19 6.09
N LYS A 260 23.53 -0.49 5.50
CA LYS A 260 22.23 0.12 5.25
C LYS A 260 21.14 -0.38 6.21
N LEU A 261 21.54 -1.08 7.27
CA LEU A 261 20.61 -1.73 8.19
C LEU A 261 20.17 -0.85 9.35
N GLN A 262 20.84 0.28 9.60
CA GLN A 262 20.69 0.95 10.90
CA GLN A 262 20.67 0.88 10.91
C GLN A 262 19.31 1.57 11.05
N TRP A 263 18.83 2.27 10.02
CA TRP A 263 17.56 2.95 10.17
C TRP A 263 16.43 1.96 10.46
N ALA A 264 16.44 0.80 9.81
CA ALA A 264 15.42 -0.22 10.08
C ALA A 264 15.43 -0.63 11.56
N LEU A 265 16.62 -0.82 12.14
CA LEU A 265 16.69 -1.20 13.54
C LEU A 265 16.13 -0.09 14.43
N GLU A 266 16.47 1.15 14.11
CA GLU A 266 15.89 2.28 14.84
CA GLU A 266 15.90 2.28 14.85
C GLU A 266 14.37 2.30 14.72
N CYS A 267 13.87 2.01 13.51
CA CYS A 267 12.43 1.99 13.31
C CYS A 267 11.77 0.88 14.10
N LEU A 268 12.42 -0.27 14.19
CA LEU A 268 11.86 -1.37 14.95
C LEU A 268 11.74 -0.98 16.42
N LYS A 269 12.79 -0.37 16.98
CA LYS A 269 12.72 0.03 18.38
C LYS A 269 11.60 1.05 18.59
N LYS A 270 11.42 1.95 17.63
CA LYS A 270 10.34 2.93 17.77
C LYS A 270 8.99 2.24 17.72
N SER A 271 8.84 1.24 16.86
CA SER A 271 7.58 0.53 16.71
CA SER A 271 7.54 0.60 16.74
C SER A 271 7.24 -0.22 18.00
N MET A 272 8.24 -0.88 18.57
CA MET A 272 7.98 -1.63 19.80
C MET A 272 7.54 -0.70 20.91
N ALA A 273 8.17 0.46 21.01
CA ALA A 273 7.82 1.41 22.07
C ALA A 273 6.43 1.96 21.85
N PHE A 274 6.05 2.19 20.59
CA PHE A 274 4.73 2.73 20.31
C PHE A 274 3.64 1.73 20.69
N ASP A 275 3.82 0.46 20.34
CA ASP A 275 2.80 -0.51 20.71
C ASP A 275 2.71 -0.64 22.23
N GLU A 276 3.83 -0.48 22.93
CA GLU A 276 3.80 -0.48 24.39
C GLU A 276 3.08 0.75 24.93
N ASP A 277 3.40 1.92 24.38
CA ASP A 277 2.92 3.17 24.93
C ASP A 277 1.44 3.42 24.62
N TYR A 278 1.03 3.20 23.37
CA TYR A 278 -0.34 3.51 23.00
C TYR A 278 -1.29 2.35 23.31
N PHE A 279 -0.88 1.11 23.03
CA PHE A 279 -1.75 -0.04 23.15
C PHE A 279 -1.41 -0.97 24.33
N GLY A 280 -0.30 -0.72 25.03
CA GLY A 280 0.10 -1.59 26.12
C GLY A 280 0.52 -2.98 25.71
N LEU A 281 1.04 -3.15 24.49
CA LEU A 281 1.35 -4.46 23.94
C LEU A 281 2.85 -4.67 23.93
N GLU A 282 3.28 -5.82 24.46
CA GLU A 282 4.68 -6.21 24.50
C GLU A 282 4.95 -7.38 23.57
N TYR A 283 6.17 -7.43 23.04
CA TYR A 283 6.62 -8.55 22.25
C TYR A 283 6.72 -9.81 23.12
N ASP A 284 6.60 -10.98 22.46
CA ASP A 284 6.33 -12.25 23.14
C ASP A 284 7.31 -13.35 22.77
N LEU A 285 8.47 -13.02 22.23
CA LEU A 285 9.53 -13.98 22.01
C LEU A 285 10.83 -13.34 22.51
N SER A 286 11.85 -14.18 22.68
CA SER A 286 13.15 -13.68 23.11
C SER A 286 13.94 -13.04 21.98
N ARG A 287 13.54 -13.25 20.73
CA ARG A 287 14.27 -12.73 19.59
C ARG A 287 13.30 -12.32 18.49
N LEU A 288 13.68 -11.28 17.76
CA LEU A 288 12.95 -10.85 16.56
C LEU A 288 13.99 -10.55 15.49
N ASN A 289 13.86 -11.23 14.35
CA ASN A 289 14.75 -11.08 13.21
C ASN A 289 14.01 -10.38 12.08
N LEU A 290 14.67 -9.40 11.47
CA LEU A 290 14.23 -8.81 10.20
C LEU A 290 15.28 -9.13 9.15
N VAL A 291 14.83 -9.51 7.96
CA VAL A 291 15.73 -9.96 6.90
C VAL A 291 15.36 -9.26 5.59
N ALA A 292 16.35 -8.66 4.94
CA ALA A 292 16.20 -8.05 3.62
C ALA A 292 16.56 -9.04 2.52
N VAL A 293 15.68 -9.17 1.51
CA VAL A 293 16.02 -9.94 0.32
C VAL A 293 15.75 -9.11 -0.93
N SER A 294 16.54 -9.37 -1.96
CA SER A 294 16.48 -8.53 -3.16
C SER A 294 15.27 -8.83 -4.03
N ASP A 295 14.81 -10.08 -4.06
CA ASP A 295 13.70 -10.50 -4.93
C ASP A 295 12.50 -10.80 -4.03
N PHE A 296 11.47 -9.95 -4.10
CA PHE A 296 10.33 -10.10 -3.20
C PHE A 296 9.13 -9.47 -3.91
N ASN A 297 8.00 -10.17 -3.91
CA ASN A 297 6.85 -9.73 -4.69
C ASN A 297 6.10 -8.57 -4.07
N VAL A 298 6.18 -8.44 -2.75
CA VAL A 298 5.39 -7.45 -2.03
C VAL A 298 6.37 -6.69 -1.14
N GLY A 299 5.86 -5.82 -0.26
CA GLY A 299 6.74 -5.04 0.58
C GLY A 299 7.50 -5.85 1.61
N ALA A 300 6.79 -6.73 2.32
CA ALA A 300 7.37 -7.45 3.44
C ALA A 300 6.36 -8.46 3.96
N MET A 301 6.71 -9.22 5.00
CA MET A 301 5.86 -10.31 5.45
C MET A 301 6.11 -10.55 6.92
N GLU A 302 5.02 -10.74 7.68
CA GLU A 302 5.06 -10.71 9.15
C GLU A 302 5.33 -12.08 9.78
N ASN A 303 6.11 -12.95 9.14
CA ASN A 303 6.30 -14.28 9.69
C ASN A 303 6.77 -14.18 11.14
N LYS A 304 6.24 -15.06 12.00
CA LYS A 304 6.44 -14.90 13.44
C LYS A 304 7.91 -14.92 13.82
N GLY A 305 8.37 -13.84 14.48
CA GLY A 305 9.76 -13.71 14.90
C GLY A 305 10.77 -13.60 13.78
N LEU A 306 10.33 -13.57 12.53
CA LEU A 306 11.23 -13.68 11.38
C LEU A 306 10.58 -12.92 10.23
N ASN A 307 10.53 -11.60 10.36
CA ASN A 307 9.90 -10.77 9.36
C ASN A 307 10.84 -10.60 8.17
N ILE A 308 10.32 -10.79 6.95
CA ILE A 308 11.14 -10.79 5.74
C ILE A 308 10.65 -9.65 4.85
N PHE A 309 11.62 -8.90 4.29
CA PHE A 309 11.36 -7.64 3.63
C PHE A 309 11.93 -7.60 2.23
N ASN A 310 11.18 -7.03 1.30
CA ASN A 310 11.80 -6.45 0.12
C ASN A 310 12.90 -5.52 0.59
N ALA A 311 14.10 -5.66 0.01
CA ALA A 311 15.20 -4.82 0.45
C ALA A 311 14.84 -3.33 0.35
N ASN A 312 14.00 -2.98 -0.62
CA ASN A 312 13.68 -1.56 -0.78
C ASN A 312 12.82 -1.03 0.35
N SER A 313 12.37 -1.90 1.26
CA SER A 313 11.53 -1.50 2.38
C SER A 313 12.24 -1.74 3.70
N LEU A 314 13.53 -2.06 3.68
CA LEU A 314 14.33 -2.23 4.88
C LEU A 314 15.66 -1.50 4.85
N LEU A 315 16.30 -1.39 3.68
CA LEU A 315 17.65 -0.87 3.59
C LEU A 315 17.71 0.56 3.08
N ALA A 316 18.49 1.40 3.76
CA ALA A 316 18.74 2.75 3.31
C ALA A 316 20.06 3.27 3.87
N SER A 317 20.64 4.23 3.15
CA SER A 317 21.67 5.10 3.71
C SER A 317 21.50 6.46 3.05
N LYS A 318 21.91 7.50 3.75
CA LYS A 318 21.62 8.85 3.27
C LYS A 318 22.42 9.17 2.01
N LYS A 319 23.56 8.52 1.80
CA LYS A 319 24.33 8.69 0.57
C LYS A 319 23.73 7.94 -0.61
N ASN A 320 22.96 6.86 -0.38
CA ASN A 320 22.57 5.98 -1.47
C ASN A 320 21.09 5.70 -1.53
N SER A 321 20.28 6.54 -0.90
CA SER A 321 18.84 6.37 -0.92
C SER A 321 18.17 7.72 -1.05
N ILE A 322 17.03 7.77 -1.74
CA ILE A 322 16.25 9.00 -1.76
C ILE A 322 15.50 9.16 -0.43
N ASP A 323 15.10 10.40 -0.14
N ASP A 323 15.05 10.39 -0.20
CA ASP A 323 14.52 10.70 1.16
CA ASP A 323 14.31 10.72 1.02
C ASP A 323 13.33 9.79 1.46
C ASP A 323 13.15 9.76 1.27
N PHE A 324 12.52 9.49 0.43
N PHE A 324 12.40 9.44 0.22
CA PHE A 324 11.28 8.74 0.66
CA PHE A 324 11.19 8.63 0.38
C PHE A 324 11.55 7.32 1.14
C PHE A 324 11.46 7.34 1.17
N SER A 325 12.78 6.83 1.03
N SER A 325 12.67 6.78 1.04
CA SER A 325 13.11 5.53 1.61
CA SER A 325 12.94 5.48 1.62
C SER A 325 12.85 5.52 3.11
C SER A 325 12.83 5.50 3.15
N TYR A 326 13.10 6.65 3.78
CA TYR A 326 13.08 6.66 5.24
C TYR A 326 11.66 6.52 5.77
N ALA A 327 10.68 7.21 5.18
CA ALA A 327 9.29 7.00 5.60
C ALA A 327 8.79 5.63 5.17
N ARG A 328 9.28 5.10 4.04
CA ARG A 328 8.84 3.79 3.61
C ARG A 328 9.26 2.72 4.60
N ILE A 329 10.52 2.76 5.04
CA ILE A 329 11.05 1.77 5.98
C ILE A 329 10.34 1.90 7.33
N LEU A 330 10.12 3.13 7.79
CA LEU A 330 9.40 3.32 9.04
C LEU A 330 8.02 2.69 8.98
N THR A 331 7.32 2.94 7.87
CA THR A 331 6.01 2.36 7.64
C THR A 331 6.05 0.84 7.63
N VAL A 332 6.94 0.26 6.81
CA VAL A 332 6.87 -1.19 6.62
C VAL A 332 7.39 -1.92 7.85
N VAL A 333 8.50 -1.46 8.43
CA VAL A 333 8.96 -2.07 9.67
C VAL A 333 7.89 -1.98 10.73
N GLY A 334 7.26 -0.81 10.87
CA GLY A 334 6.19 -0.67 11.84
C GLY A 334 5.04 -1.61 11.56
N HIS A 335 4.55 -1.60 10.33
CA HIS A 335 3.47 -2.48 9.90
C HIS A 335 3.75 -3.92 10.28
N GLU A 336 4.94 -4.42 9.94
CA GLU A 336 5.22 -5.82 10.21
C GLU A 336 5.26 -6.07 11.71
N TYR A 337 5.81 -5.13 12.49
CA TYR A 337 5.86 -5.35 13.93
C TYR A 337 4.45 -5.38 14.51
N PHE A 338 3.59 -4.45 14.09
CA PHE A 338 2.22 -4.37 14.63
C PHE A 338 1.42 -5.62 14.28
N HIS A 339 1.76 -6.30 13.19
CA HIS A 339 1.14 -7.58 12.89
C HIS A 339 1.38 -8.61 14.00
N ASN A 340 2.42 -8.43 14.83
CA ASN A 340 2.68 -9.46 15.82
C ASN A 340 1.45 -9.69 16.69
N TYR A 341 0.68 -8.64 16.95
CA TYR A 341 -0.62 -8.80 17.58
C TYR A 341 -1.76 -8.84 16.58
N THR A 342 -1.86 -7.87 15.67
CA THR A 342 -3.02 -7.83 14.78
C THR A 342 -2.66 -8.61 13.52
N GLY A 343 -2.79 -9.93 13.63
CA GLY A 343 -2.47 -10.87 12.56
C GLY A 343 -1.86 -12.18 13.07
N ASN A 344 -0.94 -12.09 14.02
CA ASN A 344 -0.21 -13.27 14.46
C ASN A 344 -0.85 -13.78 15.77
N ARG A 345 -0.77 -13.00 16.86
CA ARG A 345 -1.38 -13.46 18.10
C ARG A 345 -2.90 -13.53 17.99
N VAL A 346 -3.53 -12.61 17.26
CA VAL A 346 -4.91 -12.75 16.81
C VAL A 346 -4.85 -12.91 15.31
N THR A 347 -5.23 -14.07 14.79
CA THR A 347 -5.10 -14.31 13.36
C THR A 347 -6.50 -14.43 12.72
N LEU A 348 -6.56 -14.99 11.52
CA LEU A 348 -7.77 -14.98 10.71
C LEU A 348 -8.44 -16.34 10.67
N ARG A 349 -9.77 -16.34 10.79
CA ARG A 349 -10.52 -17.58 10.63
C ARG A 349 -10.45 -18.07 9.19
N ASP A 350 -10.43 -17.14 8.23
CA ASP A 350 -10.46 -17.45 6.82
C ASP A 350 -10.02 -16.22 6.07
N TRP A 351 -9.71 -16.39 4.78
CA TRP A 351 -9.08 -15.29 4.06
C TRP A 351 -10.04 -14.14 3.77
N PHE A 352 -11.35 -14.36 3.83
CA PHE A 352 -12.29 -13.26 3.69
C PHE A 352 -12.13 -12.23 4.80
N GLN A 353 -11.54 -12.62 5.93
CA GLN A 353 -11.30 -11.70 7.03
C GLN A 353 -10.02 -10.89 6.86
N LEU A 354 -9.40 -10.88 5.67
CA LEU A 354 -8.08 -10.28 5.53
C LEU A 354 -7.99 -8.86 6.08
N THR A 355 -9.01 -8.03 5.84
CA THR A 355 -8.94 -6.64 6.31
C THR A 355 -8.86 -6.57 7.82
N LEU A 356 -9.31 -7.60 8.53
CA LEU A 356 -9.22 -7.59 9.98
C LEU A 356 -7.77 -7.43 10.43
N LYS A 357 -6.83 -8.07 9.71
CA LYS A 357 -5.42 -7.85 10.03
C LYS A 357 -4.79 -6.74 9.20
N GLU A 358 -5.19 -6.57 7.94
CA GLU A 358 -4.50 -5.55 7.12
C GLU A 358 -5.07 -4.14 7.35
N GLY A 359 -6.40 -3.97 7.32
CA GLY A 359 -6.93 -2.65 7.63
C GLY A 359 -6.51 -2.19 9.01
N LEU A 360 -6.56 -3.10 9.98
CA LEU A 360 -6.23 -2.74 11.35
C LEU A 360 -4.74 -2.45 11.50
N THR A 361 -3.88 -3.23 10.84
CA THR A 361 -2.44 -3.00 10.95
C THR A 361 -2.02 -1.75 10.20
N VAL A 362 -2.63 -1.45 9.05
CA VAL A 362 -2.34 -0.17 8.40
C VAL A 362 -2.75 0.99 9.33
N HIS A 363 -3.92 0.88 9.96
CA HIS A 363 -4.36 1.94 10.87
C HIS A 363 -3.36 2.11 12.00
N ARG A 364 -2.91 1.01 12.61
CA ARG A 364 -1.90 1.10 13.66
C ARG A 364 -0.62 1.72 13.13
N GLU A 365 -0.19 1.36 11.93
CA GLU A 365 1.00 1.98 11.37
C GLU A 365 0.79 3.47 11.09
N ASN A 366 -0.42 3.85 10.65
CA ASN A 366 -0.71 5.26 10.40
C ASN A 366 -0.61 6.07 11.70
N LEU A 367 -1.20 5.56 12.78
CA LEU A 367 -1.08 6.24 14.06
C LEU A 367 0.39 6.39 14.46
N PHE A 368 1.16 5.32 14.28
CA PHE A 368 2.59 5.31 14.60
C PHE A 368 3.35 6.34 13.76
N SER A 369 3.17 6.31 12.44
CA SER A 369 3.93 7.19 11.59
C SER A 369 3.54 8.64 11.83
N GLU A 370 2.26 8.90 12.07
CA GLU A 370 1.85 10.28 12.34
C GLU A 370 2.55 10.79 13.59
N GLU A 371 2.69 9.93 14.61
CA GLU A 371 3.33 10.35 15.84
C GLU A 371 4.85 10.49 15.66
N MET A 372 5.44 9.64 14.82
CA MET A 372 6.88 9.70 14.61
C MET A 372 7.29 10.91 13.78
N THR A 373 6.55 11.22 12.71
CA THR A 373 6.98 12.28 11.79
C THR A 373 6.55 13.66 12.26
N LYS A 374 5.41 13.75 12.94
CA LYS A 374 4.84 15.02 13.40
C LYS A 374 4.77 16.04 12.25
N THR A 375 4.41 15.56 11.07
N THR A 375 4.45 15.54 11.06
CA THR A 375 4.12 16.43 9.94
CA THR A 375 4.21 16.39 9.89
C THR A 375 2.72 16.12 9.42
C THR A 375 2.78 16.17 9.41
N VAL A 376 2.19 17.02 8.59
N VAL A 376 2.08 17.27 9.09
CA VAL A 376 0.92 16.75 7.92
CA VAL A 376 0.71 17.12 8.62
C VAL A 376 1.10 15.82 6.73
C VAL A 376 0.66 16.37 7.28
N THR A 377 2.34 15.56 6.33
N THR A 377 1.75 16.35 6.52
CA THR A 377 2.62 14.76 5.14
CA THR A 377 1.74 15.69 5.22
C THR A 377 2.21 13.32 5.28
C THR A 377 1.61 14.17 5.33
N THR A 378 2.28 12.78 6.50
N THR A 378 1.92 13.58 6.48
CA THR A 378 1.91 11.38 6.69
CA THR A 378 1.79 12.13 6.61
C THR A 378 0.43 11.17 6.43
C THR A 378 0.35 11.69 6.36
N ARG A 379 -0.43 12.01 7.00
N ARG A 379 -0.59 12.25 7.13
CA ARG A 379 -1.87 11.86 6.81
CA ARG A 379 -2.00 11.96 6.89
C ARG A 379 -2.30 12.28 5.41
C ARG A 379 -2.39 12.35 5.47
N LEU A 380 -1.89 13.49 4.98
CA LEU A 380 -2.31 13.95 3.66
C LEU A 380 -1.90 12.95 2.58
N SER A 381 -0.72 12.34 2.72
CA SER A 381 -0.26 11.38 1.72
C SER A 381 -1.18 10.17 1.66
N HIS A 382 -1.68 9.74 2.81
CA HIS A 382 -2.59 8.60 2.85
CA HIS A 382 -2.60 8.60 2.84
C HIS A 382 -3.92 8.94 2.19
N VAL A 383 -4.43 10.14 2.45
CA VAL A 383 -5.65 10.60 1.81
C VAL A 383 -5.45 10.71 0.30
N ASP A 384 -4.32 11.28 -0.12
CA ASP A 384 -4.03 11.45 -1.54
C ASP A 384 -4.01 10.11 -2.25
N LEU A 385 -3.46 9.09 -1.58
CA LEU A 385 -3.44 7.75 -2.15
CA LEU A 385 -3.44 7.76 -2.17
C LEU A 385 -4.84 7.16 -2.19
N LEU A 386 -5.58 7.26 -1.08
CA LEU A 386 -6.91 6.68 -1.05
C LEU A 386 -7.78 7.25 -2.16
N ARG A 387 -7.85 8.58 -2.26
CA ARG A 387 -8.81 9.21 -3.15
C ARG A 387 -8.42 9.13 -4.61
N SER A 388 -7.19 8.72 -4.89
CA SER A 388 -6.79 8.44 -6.26
C SER A 388 -6.95 6.94 -6.52
N VAL A 389 -6.03 6.12 -6.00
CA VAL A 389 -6.02 4.73 -6.45
CA VAL A 389 -5.97 4.71 -6.37
C VAL A 389 -7.20 3.96 -5.86
N GLN A 390 -7.54 4.18 -4.58
CA GLN A 390 -8.61 3.33 -4.04
C GLN A 390 -9.98 3.77 -4.56
N PHE A 391 -10.25 5.07 -4.66
CA PHE A 391 -11.51 5.49 -5.26
C PHE A 391 -11.64 4.97 -6.70
N LEU A 392 -10.54 5.01 -7.46
CA LEU A 392 -10.57 4.44 -8.81
C LEU A 392 -10.99 2.97 -8.75
N GLU A 393 -10.37 2.20 -7.86
CA GLU A 393 -10.70 0.80 -7.74
C GLU A 393 -12.16 0.60 -7.37
N ASP A 394 -12.69 1.45 -6.47
CA ASP A 394 -14.02 1.24 -5.93
C ASP A 394 -15.11 1.62 -6.93
N SER A 395 -14.78 2.36 -7.99
CA SER A 395 -15.73 2.64 -9.07
C SER A 395 -15.45 1.79 -10.31
N SER A 396 -14.47 0.90 -10.24
CA SER A 396 -14.09 0.08 -11.38
C SER A 396 -14.86 -1.22 -11.35
N PRO A 397 -14.73 -2.03 -12.40
CA PRO A 397 -15.32 -3.38 -12.36
C PRO A 397 -14.73 -4.27 -11.28
N LEU A 398 -13.56 -3.93 -10.74
CA LEU A 398 -12.94 -4.70 -9.66
C LEU A 398 -13.48 -4.33 -8.28
N SER A 399 -14.39 -3.37 -8.19
CA SER A 399 -14.92 -2.92 -6.91
C SER A 399 -15.36 -4.09 -6.04
N HIS A 400 -14.98 -4.03 -4.76
CA HIS A 400 -15.35 -5.02 -3.76
C HIS A 400 -15.45 -4.35 -2.40
N PRO A 401 -16.24 -4.91 -1.49
CA PRO A 401 -16.20 -4.45 -0.09
C PRO A 401 -14.90 -4.89 0.57
N ILE A 402 -14.59 -4.25 1.70
CA ILE A 402 -13.32 -4.55 2.34
C ILE A 402 -13.29 -5.98 2.85
N ARG A 403 -14.46 -6.58 3.06
CA ARG A 403 -14.56 -8.02 3.29
CA ARG A 403 -14.59 -8.02 3.32
C ARG A 403 -15.21 -8.64 2.07
N PRO A 404 -14.43 -9.16 1.12
CA PRO A 404 -15.03 -9.66 -0.13
C PRO A 404 -15.95 -10.85 0.10
N GLU A 405 -16.76 -11.12 -0.92
CA GLU A 405 -17.67 -12.25 -0.86
C GLU A 405 -17.15 -13.50 -1.58
N SER A 406 -16.14 -13.38 -2.44
CA SER A 406 -15.63 -14.56 -3.15
C SER A 406 -14.25 -14.27 -3.72
N TYR A 407 -13.51 -15.34 -4.02
CA TYR A 407 -12.23 -15.17 -4.70
C TYR A 407 -11.83 -16.44 -5.43
N VAL A 408 -10.93 -16.30 -6.40
CA VAL A 408 -10.26 -17.41 -7.06
C VAL A 408 -8.82 -17.54 -6.58
N SER A 409 -8.04 -16.47 -6.67
CA SER A 409 -6.68 -16.43 -6.11
C SER A 409 -6.67 -15.34 -5.05
N MET A 410 -6.49 -15.72 -3.79
CA MET A 410 -6.50 -14.72 -2.72
CA MET A 410 -6.52 -14.71 -2.74
C MET A 410 -5.47 -13.63 -2.95
N GLU A 411 -4.39 -13.95 -3.67
CA GLU A 411 -3.34 -12.95 -3.90
C GLU A 411 -3.84 -11.76 -4.70
N ASN A 412 -4.95 -11.91 -5.45
CA ASN A 412 -5.54 -10.77 -6.13
C ASN A 412 -6.35 -9.88 -5.19
N PHE A 413 -6.50 -10.23 -3.92
CA PHE A 413 -7.31 -9.38 -3.05
C PHE A 413 -6.49 -8.73 -1.94
N TYR A 414 -5.18 -8.63 -2.13
CA TYR A 414 -4.35 -7.75 -1.30
C TYR A 414 -4.37 -6.35 -1.92
N THR A 415 -5.53 -5.72 -1.79
CA THR A 415 -5.88 -4.54 -2.56
C THR A 415 -5.83 -3.29 -1.70
N THR A 416 -5.78 -2.14 -2.40
CA THR A 416 -5.91 -0.86 -1.72
C THR A 416 -7.27 -0.72 -1.05
N THR A 417 -8.31 -1.36 -1.57
CA THR A 417 -9.57 -1.42 -0.83
C THR A 417 -9.38 -2.12 0.51
N VAL A 418 -8.87 -3.36 0.49
CA VAL A 418 -8.72 -4.12 1.72
C VAL A 418 -7.79 -3.40 2.70
N TYR A 419 -6.69 -2.84 2.20
CA TYR A 419 -5.69 -2.22 3.07
C TYR A 419 -6.09 -0.80 3.46
N ASP A 420 -6.33 0.05 2.47
CA ASP A 420 -6.43 1.48 2.70
C ASP A 420 -7.85 1.92 3.02
N LYS A 421 -8.87 1.46 2.28
CA LYS A 421 -10.22 1.68 2.78
C LYS A 421 -10.41 0.94 4.09
N GLY A 422 -9.86 -0.27 4.21
CA GLY A 422 -9.92 -0.95 5.49
C GLY A 422 -9.35 -0.12 6.62
N SER A 423 -8.21 0.53 6.37
CA SER A 423 -7.59 1.37 7.39
CA SER A 423 -7.60 1.36 7.40
C SER A 423 -8.50 2.54 7.78
N GLU A 424 -9.17 3.14 6.80
CA GLU A 424 -10.07 4.25 7.11
C GLU A 424 -11.27 3.77 7.91
N VAL A 425 -11.75 2.56 7.62
CA VAL A 425 -12.85 2.01 8.42
C VAL A 425 -12.38 1.72 9.84
N MET A 426 -11.15 1.22 9.99
CA MET A 426 -10.63 0.99 11.33
C MET A 426 -10.38 2.31 12.06
N ARG A 427 -9.97 3.35 11.34
CA ARG A 427 -9.74 4.66 11.94
C ARG A 427 -11.04 5.34 12.35
N MET A 428 -12.12 5.10 11.61
CA MET A 428 -13.41 5.69 11.98
C MET A 428 -13.84 5.27 13.38
N TYR A 429 -13.48 4.06 13.80
CA TYR A 429 -13.81 3.67 15.17
C TYR A 429 -13.17 4.62 16.18
N LEU A 430 -11.92 5.02 15.93
CA LEU A 430 -11.24 5.92 16.84
C LEU A 430 -11.88 7.30 16.80
N THR A 431 -12.27 7.77 15.62
CA THR A 431 -12.96 9.04 15.51
C THR A 431 -14.28 9.03 16.26
N ILE A 432 -15.02 7.92 16.19
CA ILE A 432 -16.33 7.85 16.83
C ILE A 432 -16.18 7.74 18.34
N LEU A 433 -15.26 6.90 18.80
CA LEU A 433 -15.17 6.59 20.23
C LEU A 433 -14.30 7.56 21.02
N GLY A 434 -13.37 8.24 20.37
CA GLY A 434 -12.32 8.96 21.07
C GLY A 434 -11.26 8.01 21.61
N GLU A 435 -10.14 8.59 22.01
CA GLU A 435 -8.96 7.77 22.33
C GLU A 435 -9.22 6.84 23.51
N GLU A 436 -9.81 7.36 24.58
CA GLU A 436 -10.00 6.56 25.78
C GLU A 436 -10.85 5.33 25.49
N TYR A 437 -12.02 5.52 24.87
CA TYR A 437 -12.89 4.38 24.64
C TYR A 437 -12.39 3.52 23.48
N TYR A 438 -11.69 4.12 22.51
CA TYR A 438 -11.08 3.29 21.48
C TYR A 438 -10.07 2.32 22.10
N LYS A 439 -9.19 2.82 22.96
CA LYS A 439 -8.23 1.94 23.60
C LYS A 439 -8.93 0.86 24.43
N LYS A 440 -10.04 1.21 25.08
CA LYS A 440 -10.77 0.20 25.86
C LYS A 440 -11.31 -0.89 24.94
N GLY A 441 -11.93 -0.50 23.83
CA GLY A 441 -12.44 -1.48 22.91
C GLY A 441 -11.35 -2.33 22.28
N PHE A 442 -10.22 -1.70 21.95
CA PHE A 442 -9.13 -2.46 21.36
C PHE A 442 -8.61 -3.49 22.37
N ASP A 443 -8.53 -3.11 23.64
CA ASP A 443 -8.06 -4.05 24.65
C ASP A 443 -9.03 -5.22 24.81
N ILE A 444 -10.35 -4.95 24.73
CA ILE A 444 -11.34 -6.02 24.73
C ILE A 444 -11.11 -6.98 23.55
N TYR A 445 -10.87 -6.43 22.36
CA TYR A 445 -10.59 -7.27 21.20
C TYR A 445 -9.40 -8.19 21.46
N ILE A 446 -8.30 -7.63 21.96
CA ILE A 446 -7.12 -8.45 22.19
C ILE A 446 -7.42 -9.48 23.27
N LYS A 447 -8.02 -9.05 24.37
CA LYS A 447 -8.24 -9.97 25.47
C LYS A 447 -9.12 -11.14 25.06
N LYS A 448 -10.18 -10.87 24.29
CA LYS A 448 -11.12 -11.94 23.98
C LYS A 448 -10.58 -12.90 22.93
N ASN A 449 -9.68 -12.45 22.06
CA ASN A 449 -9.29 -13.23 20.92
C ASN A 449 -7.82 -13.63 20.89
N ASP A 450 -7.03 -13.20 21.88
CA ASP A 450 -5.61 -13.52 21.92
C ASP A 450 -5.40 -15.02 21.81
N GLY A 451 -4.51 -15.41 20.92
CA GLY A 451 -4.18 -16.81 20.73
C GLY A 451 -5.10 -17.57 19.81
N ASN A 452 -6.07 -16.90 19.18
CA ASN A 452 -7.11 -17.54 18.41
C ASN A 452 -7.26 -16.90 17.04
N THR A 453 -7.99 -17.60 16.17
CA THR A 453 -8.52 -16.99 14.97
C THR A 453 -9.65 -16.03 15.34
N ALA A 454 -9.94 -15.10 14.44
CA ALA A 454 -11.00 -14.12 14.68
C ALA A 454 -11.60 -13.68 13.36
N THR A 455 -12.73 -12.98 13.44
CA THR A 455 -13.45 -12.45 12.29
C THR A 455 -13.68 -10.96 12.42
N CYS A 456 -14.05 -10.31 11.30
CA CYS A 456 -14.32 -8.89 11.39
C CYS A 456 -15.41 -8.59 12.42
N GLU A 457 -16.41 -9.48 12.52
CA GLU A 457 -17.48 -9.27 13.49
CA GLU A 457 -17.48 -9.25 13.49
C GLU A 457 -16.94 -9.23 14.91
N ASP A 458 -15.86 -9.97 15.18
CA ASP A 458 -15.28 -9.95 16.51
C ASP A 458 -14.73 -8.59 16.85
N PHE A 459 -14.11 -7.92 15.88
CA PHE A 459 -13.61 -6.58 16.13
C PHE A 459 -14.76 -5.61 16.36
N ASN A 460 -15.78 -5.66 15.48
CA ASN A 460 -16.93 -4.76 15.64
C ASN A 460 -17.61 -4.98 16.98
N TYR A 461 -17.68 -6.23 17.44
CA TYR A 461 -18.28 -6.51 18.74
C TYR A 461 -17.50 -5.85 19.86
N ALA A 462 -16.16 -5.92 19.81
CA ALA A 462 -15.36 -5.28 20.85
C ALA A 462 -15.58 -3.78 20.84
N MET A 463 -15.56 -3.17 19.65
CA MET A 463 -15.83 -1.75 19.54
C MET A 463 -17.22 -1.42 20.06
N GLU A 464 -18.18 -2.31 19.84
CA GLU A 464 -19.54 -2.10 20.30
C GLU A 464 -19.61 -2.06 21.83
N GLN A 465 -18.79 -2.87 22.51
CA GLN A 465 -18.79 -2.82 23.97
C GLN A 465 -18.31 -1.46 24.46
N ALA A 466 -17.25 -0.93 23.83
CA ALA A 466 -16.82 0.43 24.16
C ALA A 466 -17.87 1.46 23.79
N TYR A 467 -18.55 1.26 22.66
CA TYR A 467 -19.58 2.20 22.23
C TYR A 467 -20.68 2.30 23.28
N LYS A 468 -21.14 1.15 23.79
CA LYS A 468 -22.15 1.17 24.82
CA LYS A 468 -22.14 1.15 24.84
C LYS A 468 -21.68 1.95 26.06
N MET A 469 -20.40 1.82 26.41
CA MET A 469 -19.87 2.57 27.54
C MET A 469 -19.91 4.07 27.26
N LYS A 470 -19.33 4.48 26.12
CA LYS A 470 -19.28 5.90 25.79
CA LYS A 470 -19.28 5.90 25.79
C LYS A 470 -20.67 6.51 25.76
N LYS A 471 -21.64 5.80 25.18
CA LYS A 471 -23.00 6.30 25.10
CA LYS A 471 -22.99 6.33 25.11
C LYS A 471 -23.77 6.10 26.40
N ALA A 472 -23.22 5.35 27.35
CA ALA A 472 -23.92 5.08 28.60
C ALA A 472 -25.31 4.50 28.31
N ASP A 473 -25.36 3.58 27.35
CA ASP A 473 -26.61 3.03 26.86
C ASP A 473 -26.35 1.62 26.36
N ASN A 474 -26.81 0.62 27.12
CA ASN A 474 -26.57 -0.77 26.75
C ASN A 474 -27.42 -1.24 25.58
N SER A 475 -28.31 -0.39 25.07
CA SER A 475 -29.03 -0.70 23.85
C SER A 475 -28.36 -0.11 22.61
N ALA A 476 -27.34 0.72 22.79
CA ALA A 476 -26.59 1.21 21.65
C ALA A 476 -25.87 0.06 20.97
N ASN A 477 -25.76 0.15 19.65
CA ASN A 477 -25.10 -0.93 18.93
C ASN A 477 -24.45 -0.39 17.67
N LEU A 478 -23.56 -1.20 17.11
CA LEU A 478 -22.85 -0.86 15.89
C LEU A 478 -23.26 -1.78 14.75
N ASN A 479 -24.50 -2.25 14.75
CA ASN A 479 -24.96 -3.13 13.68
CA ASN A 479 -24.91 -3.14 13.67
C ASN A 479 -24.87 -2.43 12.32
N GLN A 480 -25.24 -1.14 12.28
CA GLN A 480 -25.15 -0.40 11.03
C GLN A 480 -23.70 -0.28 10.59
N TYR A 481 -22.79 -0.13 11.54
CA TYR A 481 -21.39 0.04 11.20
C TYR A 481 -20.89 -1.12 10.34
N LEU A 482 -21.47 -2.31 10.50
CA LEU A 482 -20.98 -3.46 9.77
C LEU A 482 -21.12 -3.31 8.27
N LEU A 483 -21.99 -2.40 7.82
CA LEU A 483 -22.13 -2.16 6.40
C LEU A 483 -20.82 -1.66 5.79
N TRP A 484 -19.95 -1.06 6.61
CA TRP A 484 -18.67 -0.64 6.08
C TRP A 484 -17.83 -1.83 5.65
N PHE A 485 -18.11 -3.01 6.20
CA PHE A 485 -17.40 -4.22 5.80
C PHE A 485 -18.03 -4.90 4.59
N SER A 486 -19.34 -4.73 4.38
CA SER A 486 -20.04 -5.52 3.38
C SER A 486 -20.45 -4.75 2.14
N GLN A 487 -20.52 -3.43 2.21
CA GLN A 487 -20.98 -2.61 1.09
C GLN A 487 -19.80 -2.03 0.32
N SER A 488 -19.78 -2.26 -0.99
CA SER A 488 -18.74 -1.71 -1.84
C SER A 488 -19.17 -0.32 -2.31
N GLY A 489 -18.20 0.42 -2.86
CA GLY A 489 -18.47 1.73 -3.42
C GLY A 489 -18.15 2.83 -2.43
N THR A 490 -17.85 4.01 -2.98
CA THR A 490 -17.52 5.19 -2.18
C THR A 490 -18.77 6.01 -1.93
N PRO A 491 -19.13 6.29 -0.69
CA PRO A 491 -20.28 7.17 -0.48
C PRO A 491 -19.98 8.58 -0.93
N HIS A 492 -21.03 9.27 -1.36
CA HIS A 492 -20.99 10.68 -1.71
C HIS A 492 -21.73 11.43 -0.63
N VAL A 493 -21.08 12.43 -0.04
CA VAL A 493 -21.71 13.21 1.03
C VAL A 493 -21.75 14.65 0.59
N SER A 494 -22.95 15.23 0.57
CA SER A 494 -23.15 16.56 0.02
C SER A 494 -23.87 17.42 1.05
N PHE A 495 -23.65 18.72 0.93
CA PHE A 495 -24.00 19.68 1.94
C PHE A 495 -24.73 20.88 1.37
N LYS A 496 -25.73 21.34 2.12
CA LYS A 496 -26.42 22.61 1.87
CA LYS A 496 -26.42 22.61 1.87
C LYS A 496 -26.48 23.36 3.19
N TYR A 497 -26.55 24.69 3.12
CA TYR A 497 -26.45 25.49 4.32
C TYR A 497 -27.54 26.54 4.43
N ASN A 498 -27.78 26.96 5.67
CA ASN A 498 -28.64 28.10 5.93
C ASN A 498 -28.16 28.86 7.14
N TYR A 499 -28.16 30.19 7.06
CA TYR A 499 -27.82 31.02 8.19
C TYR A 499 -28.90 32.08 8.38
N ASP A 500 -29.42 32.17 9.59
CA ASP A 500 -30.36 33.22 9.96
C ASP A 500 -29.64 34.18 10.88
N ALA A 501 -29.33 35.38 10.37
CA ALA A 501 -28.47 36.29 11.13
C ALA A 501 -29.18 36.87 12.34
N GLU A 502 -30.49 37.10 12.26
CA GLU A 502 -31.21 37.61 13.42
C GLU A 502 -31.28 36.56 14.53
N LYS A 503 -31.51 35.30 14.17
CA LYS A 503 -31.56 34.22 15.15
C LYS A 503 -30.19 33.70 15.57
N LYS A 504 -29.14 34.09 14.86
CA LYS A 504 -27.80 33.54 15.09
CA LYS A 504 -27.80 33.55 15.11
C LYS A 504 -27.84 32.02 15.04
N GLN A 505 -28.54 31.50 14.03
CA GLN A 505 -28.80 30.08 13.88
C GLN A 505 -28.31 29.58 12.53
N TYR A 506 -27.43 28.58 12.56
CA TYR A 506 -26.79 28.03 11.38
C TYR A 506 -27.20 26.58 11.20
N SER A 507 -27.55 26.21 9.97
CA SER A 507 -27.96 24.84 9.67
C SER A 507 -27.11 24.22 8.58
N ILE A 508 -26.74 22.95 8.78
CA ILE A 508 -26.01 22.16 7.80
C ILE A 508 -26.91 20.99 7.43
N HIS A 509 -27.36 20.97 6.18
CA HIS A 509 -28.17 19.86 5.70
CA HIS A 509 -28.19 19.88 5.66
C HIS A 509 -27.28 18.91 4.92
N VAL A 510 -27.28 17.65 5.32
CA VAL A 510 -26.33 16.68 4.80
C VAL A 510 -27.08 15.54 4.14
N ASN A 511 -26.53 15.04 3.04
CA ASN A 511 -27.08 13.90 2.34
CA ASN A 511 -27.08 13.92 2.28
C ASN A 511 -25.96 12.93 2.00
N GLN A 512 -26.26 11.63 2.11
CA GLN A 512 -25.33 10.61 1.65
C GLN A 512 -25.97 9.72 0.60
N TYR A 513 -25.13 9.21 -0.31
CA TYR A 513 -25.56 8.40 -1.43
C TYR A 513 -24.39 7.54 -1.87
N THR A 514 -24.62 6.24 -2.00
CA THR A 514 -23.66 5.35 -2.63
C THR A 514 -24.31 4.82 -3.91
N LYS A 515 -23.56 4.85 -4.99
CA LYS A 515 -24.09 4.45 -6.29
C LYS A 515 -24.20 2.93 -6.36
N PRO A 516 -25.35 2.41 -6.76
CA PRO A 516 -25.47 0.96 -7.03
C PRO A 516 -24.35 0.49 -7.94
N ASP A 517 -23.92 -0.75 -7.73
CA ASP A 517 -22.85 -1.33 -8.53
C ASP A 517 -23.17 -2.81 -8.71
N GLU A 518 -22.19 -3.57 -9.17
CA GLU A 518 -22.40 -4.98 -9.48
C GLU A 518 -22.36 -5.86 -8.24
N ASN A 519 -22.09 -5.31 -7.05
CA ASN A 519 -22.16 -6.06 -5.81
C ASN A 519 -23.48 -5.87 -5.08
N GLN A 520 -24.01 -4.65 -5.07
CA GLN A 520 -25.33 -4.35 -4.49
C GLN A 520 -26.06 -3.41 -5.44
N LYS A 521 -27.22 -3.83 -5.92
CA LYS A 521 -28.02 -2.91 -6.70
C LYS A 521 -28.77 -1.94 -5.81
N GLU A 522 -28.92 -2.25 -4.53
CA GLU A 522 -29.46 -1.31 -3.55
C GLU A 522 -28.41 -1.06 -2.48
N LYS A 523 -28.13 0.20 -2.22
CA LYS A 523 -27.15 0.60 -1.23
C LYS A 523 -27.88 1.19 -0.03
N LYS A 524 -27.31 0.98 1.15
CA LYS A 524 -27.91 1.47 2.38
C LYS A 524 -27.11 2.63 2.94
N PRO A 525 -27.71 3.50 3.73
CA PRO A 525 -26.93 4.55 4.41
C PRO A 525 -25.96 3.96 5.43
N LEU A 526 -24.79 4.56 5.50
CA LEU A 526 -23.75 4.14 6.42
CA LEU A 526 -23.72 4.15 6.39
C LEU A 526 -23.69 5.06 7.63
N PHE A 527 -22.97 4.60 8.65
CA PHE A 527 -22.64 5.39 9.84
C PHE A 527 -21.42 6.23 9.48
N ILE A 528 -21.64 7.51 9.17
CA ILE A 528 -20.60 8.40 8.68
C ILE A 528 -20.30 9.44 9.76
N PRO A 529 -19.11 9.42 10.35
CA PRO A 529 -18.70 10.48 11.28
C PRO A 529 -18.11 11.66 10.53
N ILE A 530 -18.64 12.86 10.79
CA ILE A 530 -18.26 14.07 10.08
C ILE A 530 -17.67 15.03 11.11
N SER A 531 -16.33 15.09 11.17
CA SER A 531 -15.65 16.03 12.03
CA SER A 531 -15.66 16.04 12.04
C SER A 531 -15.76 17.43 11.43
N VAL A 532 -16.27 18.39 12.22
CA VAL A 532 -16.56 19.71 11.69
CA VAL A 532 -16.58 19.71 11.71
C VAL A 532 -16.06 20.80 12.62
N GLY A 533 -15.67 21.92 12.00
CA GLY A 533 -15.51 23.18 12.69
C GLY A 533 -16.24 24.26 11.89
N LEU A 534 -16.34 25.43 12.51
CA LEU A 534 -16.97 26.59 11.89
C LEU A 534 -15.99 27.76 12.01
N ILE A 535 -15.67 28.38 10.88
CA ILE A 535 -14.67 29.43 10.81
C ILE A 535 -15.38 30.76 10.61
N ASN A 536 -15.02 31.74 11.42
CA ASN A 536 -15.47 33.10 11.23
C ASN A 536 -14.67 33.70 10.08
N PRO A 537 -15.31 34.05 8.96
CA PRO A 537 -14.51 34.53 7.81
C PRO A 537 -13.91 35.91 8.03
N GLU A 538 -14.33 36.63 9.07
CA GLU A 538 -13.77 37.95 9.29
CA GLU A 538 -13.80 37.96 9.32
C GLU A 538 -12.44 37.91 10.02
N ASN A 539 -12.22 36.92 10.89
CA ASN A 539 -10.98 36.86 11.66
C ASN A 539 -10.32 35.49 11.63
N GLY A 540 -10.88 34.52 10.91
CA GLY A 540 -10.30 33.20 10.81
C GLY A 540 -10.38 32.36 12.06
N LYS A 541 -11.19 32.74 13.04
CA LYS A 541 -11.21 32.06 14.32
C LYS A 541 -12.26 30.96 14.33
N GLU A 542 -12.03 29.97 15.18
CA GLU A 542 -13.00 28.90 15.39
C GLU A 542 -14.23 29.45 16.12
N MET A 543 -15.41 28.98 15.71
CA MET A 543 -16.64 29.43 16.34
C MET A 543 -17.32 28.38 17.19
N ILE A 544 -16.95 27.11 17.05
CA ILE A 544 -17.44 26.06 17.93
C ILE A 544 -16.26 25.18 18.34
N SER A 545 -16.43 24.52 19.47
CA SER A 545 -15.58 23.37 19.77
C SER A 545 -15.71 22.39 18.61
N GLN A 546 -14.58 21.85 18.17
N GLN A 546 -14.59 21.91 18.10
CA GLN A 546 -14.65 20.81 17.15
CA GLN A 546 -14.69 20.91 17.05
C GLN A 546 -15.63 19.73 17.59
C GLN A 546 -15.52 19.74 17.57
N THR A 547 -16.33 19.17 16.61
N THR A 547 -16.42 19.24 16.73
CA THR A 547 -17.48 18.31 16.85
CA THR A 547 -17.36 18.21 17.10
C THR A 547 -17.48 17.20 15.82
C THR A 547 -17.53 17.25 15.93
N THR A 548 -18.02 16.06 16.20
N THR A 548 -17.84 16.01 16.23
CA THR A 548 -18.10 14.89 15.31
CA THR A 548 -18.06 14.99 15.22
C THR A 548 -19.57 14.58 15.08
C THR A 548 -19.55 14.72 15.12
N LEU A 549 -20.13 15.07 13.97
CA LEU A 549 -21.51 14.79 13.66
C LEU A 549 -21.65 13.34 13.23
N GLU A 550 -22.67 12.66 13.74
CA GLU A 550 -22.93 11.27 13.37
C GLU A 550 -24.10 11.24 12.39
N LEU A 551 -23.79 11.11 11.10
CA LEU A 551 -24.80 10.91 10.09
C LEU A 551 -25.08 9.42 9.95
N THR A 552 -26.30 9.00 10.26
CA THR A 552 -26.68 7.61 10.10
C THR A 552 -27.84 7.40 9.13
N LYS A 553 -28.49 8.47 8.70
CA LYS A 553 -29.59 8.38 7.76
C LYS A 553 -29.15 8.88 6.40
N GLU A 554 -30.03 8.66 5.42
CA GLU A 554 -29.79 9.18 4.08
CA GLU A 554 -29.76 9.18 4.08
C GLU A 554 -29.59 10.69 4.09
N SER A 555 -30.28 11.38 4.99
CA SER A 555 -30.12 12.83 5.10
C SER A 555 -30.46 13.24 6.53
N ASP A 556 -29.92 14.41 6.92
CA ASP A 556 -30.12 14.94 8.26
C ASP A 556 -29.84 16.43 8.23
N THR A 557 -30.42 17.16 9.17
CA THR A 557 -30.15 18.58 9.34
C THR A 557 -29.55 18.78 10.72
N PHE A 558 -28.37 19.40 10.77
CA PHE A 558 -27.69 19.70 12.02
C PHE A 558 -27.77 21.21 12.23
N VAL A 559 -28.33 21.62 13.38
CA VAL A 559 -28.56 23.03 13.67
C VAL A 559 -27.64 23.46 14.81
N PHE A 560 -27.10 24.66 14.68
CA PHE A 560 -26.20 25.24 15.67
C PHE A 560 -26.75 26.59 16.07
N ASN A 561 -26.89 26.80 17.37
CA ASN A 561 -27.33 28.08 17.89
C ASN A 561 -26.15 28.93 18.33
N ASN A 562 -26.44 30.22 18.53
CA ASN A 562 -25.46 31.20 19.02
C ASN A 562 -24.22 31.23 18.13
N ILE A 563 -24.48 31.26 16.83
CA ILE A 563 -23.47 31.45 15.80
C ILE A 563 -23.56 32.91 15.38
N ALA A 564 -22.55 33.69 15.82
CA ALA A 564 -22.71 35.14 15.90
C ALA A 564 -22.69 35.81 14.52
N VAL A 565 -22.07 35.17 13.54
CA VAL A 565 -21.97 35.68 12.19
C VAL A 565 -22.02 34.48 11.26
N LYS A 566 -22.26 34.74 9.98
CA LYS A 566 -22.28 33.65 9.02
C LYS A 566 -20.92 32.95 8.96
N PRO A 567 -20.84 31.64 9.23
CA PRO A 567 -19.55 30.97 9.20
C PRO A 567 -19.24 30.38 7.83
N ILE A 568 -18.01 29.92 7.69
CA ILE A 568 -17.64 28.96 6.65
C ILE A 568 -17.40 27.62 7.33
N PRO A 569 -18.05 26.55 6.88
CA PRO A 569 -17.88 25.26 7.55
C PRO A 569 -16.59 24.57 7.12
N SER A 570 -15.96 23.91 8.09
CA SER A 570 -14.73 23.15 7.89
C SER A 570 -15.15 21.69 8.04
N LEU A 571 -15.28 20.99 6.91
CA LEU A 571 -16.00 19.73 6.85
C LEU A 571 -15.06 18.54 6.66
N PHE A 572 -15.34 17.47 7.42
CA PHE A 572 -14.59 16.21 7.37
C PHE A 572 -13.13 16.45 7.76
N ARG A 573 -12.94 17.18 8.85
CA ARG A 573 -11.60 17.44 9.36
C ARG A 573 -10.84 16.15 9.56
N GLY A 574 -9.56 16.16 9.17
CA GLY A 574 -8.74 14.98 9.17
C GLY A 574 -9.13 13.93 8.17
N PHE A 575 -10.05 14.25 7.26
CA PHE A 575 -10.71 13.31 6.35
C PHE A 575 -11.37 12.18 7.14
N SER A 576 -12.47 12.54 7.80
CA SER A 576 -12.98 11.71 8.88
C SER A 576 -13.82 10.55 8.41
N ALA A 577 -14.12 10.45 7.11
CA ALA A 577 -14.77 9.27 6.56
C ALA A 577 -14.31 9.10 5.12
N PRO A 578 -14.25 7.87 4.60
CA PRO A 578 -13.72 7.64 3.24
C PRO A 578 -14.81 7.86 2.20
N VAL A 579 -15.02 9.13 1.86
CA VAL A 579 -16.17 9.52 1.04
C VAL A 579 -15.78 10.59 0.03
N TYR A 580 -16.63 10.73 -0.98
CA TYR A 580 -16.60 11.89 -1.85
C TYR A 580 -17.29 13.04 -1.13
N ILE A 581 -16.59 14.15 -0.97
CA ILE A 581 -17.08 15.32 -0.27
C ILE A 581 -17.52 16.34 -1.30
N GLU A 582 -18.76 16.76 -1.23
CA GLU A 582 -19.28 17.83 -2.07
CA GLU A 582 -19.25 17.85 -2.08
C GLU A 582 -19.64 18.99 -1.14
N ASP A 583 -18.71 19.95 -0.97
CA ASP A 583 -18.87 20.99 0.03
C ASP A 583 -19.79 22.13 -0.40
N ASN A 584 -20.11 22.25 -1.70
CA ASN A 584 -20.97 23.30 -2.23
CA ASN A 584 -21.01 23.30 -2.18
C ASN A 584 -20.57 24.68 -1.70
N LEU A 585 -19.27 24.89 -1.58
CA LEU A 585 -18.72 26.19 -1.22
C LEU A 585 -18.27 26.95 -2.46
N THR A 586 -18.29 28.27 -2.36
CA THR A 586 -17.71 29.11 -3.40
C THR A 586 -16.20 29.03 -3.33
N ASP A 587 -15.54 29.44 -4.41
CA ASP A 587 -14.09 29.50 -4.39
C ASP A 587 -13.60 30.55 -3.41
N GLU A 588 -14.37 31.62 -3.21
CA GLU A 588 -14.01 32.61 -2.20
CA GLU A 588 -14.02 32.61 -2.20
C GLU A 588 -13.98 32.01 -0.80
N GLU A 589 -14.97 31.16 -0.49
CA GLU A 589 -15.00 30.50 0.81
C GLU A 589 -13.88 29.50 0.96
N ARG A 590 -13.60 28.77 -0.12
CA ARG A 590 -12.52 27.80 -0.11
C ARG A 590 -11.16 28.47 0.07
N ILE A 591 -10.98 29.64 -0.52
CA ILE A 591 -9.74 30.39 -0.33
C ILE A 591 -9.58 30.78 1.13
N LEU A 592 -10.66 31.22 1.77
CA LEU A 592 -10.59 31.59 3.17
C LEU A 592 -10.24 30.40 4.05
N LEU A 593 -10.81 29.23 3.77
CA LEU A 593 -10.39 28.03 4.50
C LEU A 593 -8.93 27.72 4.25
N LEU A 594 -8.50 27.75 2.97
CA LEU A 594 -7.12 27.46 2.64
C LEU A 594 -6.16 28.32 3.43
N LYS A 595 -6.51 29.59 3.60
CA LYS A 595 -5.61 30.50 4.29
C LYS A 595 -5.69 30.34 5.81
N TYR A 596 -6.90 30.18 6.37
CA TYR A 596 -7.11 30.40 7.80
C TYR A 596 -7.60 29.20 8.60
N ASP A 597 -8.07 28.13 7.96
CA ASP A 597 -8.60 27.00 8.72
C ASP A 597 -7.47 26.35 9.51
N SER A 598 -7.86 25.63 10.56
CA SER A 598 -6.90 24.94 11.41
C SER A 598 -6.56 23.54 10.92
N ASP A 599 -7.43 22.95 10.10
CA ASP A 599 -7.26 21.55 9.75
C ASP A 599 -6.52 21.39 8.44
N ALA A 600 -5.40 20.65 8.45
CA ALA A 600 -4.61 20.53 7.22
C ALA A 600 -5.42 19.88 6.11
N PHE A 601 -6.18 18.82 6.43
CA PHE A 601 -6.92 18.18 5.35
C PHE A 601 -7.93 19.15 4.73
N VAL A 602 -8.67 19.91 5.54
CA VAL A 602 -9.69 20.78 4.94
C VAL A 602 -9.03 21.87 4.10
N ARG A 603 -7.89 22.40 4.53
CA ARG A 603 -7.19 23.38 3.70
C ARG A 603 -6.78 22.76 2.36
N TYR A 604 -6.21 21.56 2.43
CA TYR A 604 -5.77 20.85 1.21
C TYR A 604 -6.96 20.50 0.35
N ASN A 605 -8.04 20.04 0.96
CA ASN A 605 -9.22 19.69 0.17
C ASN A 605 -9.87 20.92 -0.45
N SER A 606 -9.89 22.05 0.25
CA SER A 606 -10.45 23.26 -0.34
C SER A 606 -9.65 23.67 -1.56
N CYS A 607 -8.32 23.57 -1.47
CA CYS A 607 -7.46 23.79 -2.62
C CYS A 607 -7.76 22.79 -3.74
N THR A 608 -7.84 21.50 -3.39
CA THR A 608 -8.19 20.47 -4.36
C THR A 608 -9.49 20.80 -5.10
N ASN A 609 -10.50 21.27 -4.35
CA ASN A 609 -11.80 21.54 -4.96
C ASN A 609 -11.73 22.74 -5.88
N ILE A 610 -10.95 23.75 -5.52
CA ILE A 610 -10.75 24.89 -6.42
C ILE A 610 -10.14 24.42 -7.72
N TYR A 611 -9.07 23.63 -7.64
CA TYR A 611 -8.44 23.08 -8.83
C TYR A 611 -9.43 22.26 -9.65
N MET A 612 -10.22 21.40 -9.00
CA MET A 612 -11.11 20.54 -9.78
C MET A 612 -12.14 21.36 -10.53
N LYS A 613 -12.66 22.40 -9.90
CA LYS A 613 -13.61 23.27 -10.61
CA LYS A 613 -13.61 23.26 -10.61
C LYS A 613 -12.96 23.84 -11.86
N GLN A 614 -11.72 24.31 -11.74
CA GLN A 614 -11.01 24.84 -12.89
C GLN A 614 -10.74 23.76 -13.93
N ILE A 615 -10.30 22.59 -13.47
CA ILE A 615 -9.96 21.49 -14.37
C ILE A 615 -11.19 21.08 -15.18
N LEU A 616 -12.33 20.88 -14.51
CA LEU A 616 -13.51 20.43 -15.24
C LEU A 616 -13.95 21.48 -16.24
N MET A 617 -13.85 22.76 -15.89
CA MET A 617 -14.24 23.82 -16.81
CA MET A 617 -14.24 23.82 -16.81
C MET A 617 -13.33 23.86 -18.04
N ASN A 618 -12.02 23.92 -17.82
CA ASN A 618 -11.11 24.00 -18.96
C ASN A 618 -11.17 22.73 -19.78
N TYR A 619 -11.30 21.57 -19.12
CA TYR A 619 -11.40 20.30 -19.84
C TYR A 619 -12.57 20.35 -20.81
N ASN A 620 -13.73 20.78 -20.33
CA ASN A 620 -14.88 20.87 -21.21
CA ASN A 620 -14.88 20.85 -21.22
C ASN A 620 -14.65 21.85 -22.35
N GLU A 621 -13.95 22.95 -22.09
CA GLU A 621 -13.69 23.93 -23.14
C GLU A 621 -12.79 23.34 -24.23
N PHE A 622 -11.71 22.68 -23.83
CA PHE A 622 -10.85 22.01 -24.80
C PHE A 622 -11.61 20.90 -25.51
N LEU A 623 -12.45 20.17 -24.78
CA LEU A 623 -13.14 19.03 -25.37
C LEU A 623 -14.08 19.49 -26.48
N LYS A 624 -14.85 20.56 -26.22
CA LYS A 624 -15.73 21.09 -27.25
C LYS A 624 -14.95 21.57 -28.46
N ALA A 625 -13.83 22.26 -28.23
CA ALA A 625 -13.04 22.76 -29.35
C ALA A 625 -12.52 21.60 -30.19
N LYS A 626 -12.16 20.49 -29.54
CA LYS A 626 -11.75 19.29 -30.26
C LYS A 626 -12.91 18.69 -31.02
N ASN A 627 -14.03 18.45 -30.33
CA ASN A 627 -15.14 17.74 -30.95
C ASN A 627 -15.76 18.54 -32.09
N GLU A 628 -15.89 19.85 -31.91
CA GLU A 628 -16.53 20.69 -32.91
C GLU A 628 -15.53 21.25 -33.90
N LYS A 629 -14.27 20.86 -33.80
CA LYS A 629 -13.21 21.30 -34.71
C LYS A 629 -13.22 22.81 -34.86
N LEU A 630 -13.26 23.50 -33.73
CA LEU A 630 -13.34 24.94 -33.72
C LEU A 630 -12.04 25.57 -34.22
N GLU A 631 -12.18 26.64 -34.99
CA GLU A 631 -11.01 27.40 -35.41
CA GLU A 631 -11.03 27.42 -35.42
C GLU A 631 -10.56 28.41 -34.36
N SER A 632 -11.45 28.78 -33.43
CA SER A 632 -11.12 29.68 -32.33
C SER A 632 -12.06 29.38 -31.16
N PHE A 633 -11.60 29.67 -29.95
CA PHE A 633 -12.40 29.42 -28.75
C PHE A 633 -11.75 30.13 -27.58
N ASN A 634 -12.48 30.15 -26.46
CA ASN A 634 -12.01 30.76 -25.23
C ASN A 634 -11.68 29.72 -24.17
N LEU A 635 -10.72 30.05 -23.33
CA LEU A 635 -10.46 29.31 -22.09
C LEU A 635 -10.72 30.24 -20.91
N THR A 636 -11.32 29.68 -19.86
CA THR A 636 -11.55 30.41 -18.62
C THR A 636 -10.27 30.48 -17.80
N PRO A 637 -9.74 31.67 -17.53
CA PRO A 637 -8.50 31.77 -16.75
C PRO A 637 -8.66 31.30 -15.31
N VAL A 638 -7.52 30.97 -14.72
CA VAL A 638 -7.48 30.61 -13.31
C VAL A 638 -7.86 31.82 -12.45
N ASN A 639 -8.58 31.55 -11.38
CA ASN A 639 -9.05 32.56 -10.42
C ASN A 639 -7.86 33.33 -9.86
N ALA A 640 -7.86 34.66 -10.04
CA ALA A 640 -6.70 35.45 -9.63
C ALA A 640 -6.55 35.50 -8.12
N GLN A 641 -7.65 35.45 -7.38
CA GLN A 641 -7.55 35.46 -5.92
C GLN A 641 -6.99 34.14 -5.39
N PHE A 642 -7.25 33.04 -6.10
CA PHE A 642 -6.62 31.77 -5.76
C PHE A 642 -5.12 31.83 -5.96
N ILE A 643 -4.68 32.38 -7.09
CA ILE A 643 -3.25 32.55 -7.32
C ILE A 643 -2.64 33.43 -6.23
N ASP A 644 -3.33 34.51 -5.85
CA ASP A 644 -2.83 35.36 -4.77
C ASP A 644 -2.70 34.57 -3.48
N ALA A 645 -3.63 33.65 -3.22
CA ALA A 645 -3.61 32.91 -1.97
C ALA A 645 -2.45 31.92 -1.95
N ILE A 646 -2.17 31.29 -3.10
CA ILE A 646 -0.99 30.43 -3.20
C ILE A 646 0.26 31.23 -2.89
N LYS A 647 0.40 32.40 -3.52
CA LYS A 647 1.56 33.25 -3.27
C LYS A 647 1.68 33.61 -1.80
N TYR A 648 0.56 33.99 -1.17
CA TYR A 648 0.59 34.34 0.25
C TYR A 648 1.12 33.19 1.08
N LEU A 649 0.57 31.99 0.87
CA LEU A 649 1.01 30.84 1.66
C LEU A 649 2.47 30.49 1.37
N LEU A 650 2.88 30.58 0.10
CA LEU A 650 4.25 30.25 -0.24
CA LEU A 650 4.25 30.25 -0.24
C LEU A 650 5.24 31.22 0.41
N GLU A 651 4.89 32.50 0.44
CA GLU A 651 5.80 33.51 0.96
C GLU A 651 5.76 33.62 2.49
N ASP A 652 4.90 32.86 3.15
CA ASP A 652 4.80 32.89 4.61
C ASP A 652 5.93 32.06 5.21
N PRO A 653 6.92 32.69 5.83
CA PRO A 653 8.06 31.92 6.35
C PRO A 653 7.68 30.98 7.47
N HIS A 654 6.50 31.12 8.07
CA HIS A 654 6.08 30.26 9.17
C HIS A 654 5.12 29.17 8.73
N ALA A 655 4.82 29.09 7.45
CA ALA A 655 3.97 28.01 6.95
C ALA A 655 4.82 26.79 6.63
N ASP A 656 4.15 25.66 6.48
CA ASP A 656 4.83 24.36 6.43
C ASP A 656 5.24 24.00 5.01
N ALA A 657 6.52 23.66 4.83
CA ALA A 657 7.03 23.37 3.49
C ALA A 657 6.32 22.18 2.87
N GLY A 658 6.03 21.15 3.66
CA GLY A 658 5.34 19.99 3.11
C GLY A 658 3.97 20.34 2.57
N PHE A 659 3.21 21.13 3.33
CA PHE A 659 1.89 21.55 2.90
C PHE A 659 1.98 22.37 1.61
N LYS A 660 2.97 23.26 1.56
CA LYS A 660 3.14 24.09 0.38
C LYS A 660 3.34 23.26 -0.87
N SER A 661 4.04 22.12 -0.77
CA SER A 661 4.27 21.32 -1.97
CA SER A 661 4.27 21.32 -1.97
C SER A 661 2.98 20.75 -2.51
N TYR A 662 1.99 20.53 -1.65
CA TYR A 662 0.69 20.04 -2.13
C TYR A 662 -0.09 21.13 -2.86
N ILE A 663 0.01 22.39 -2.40
CA ILE A 663 -0.87 23.40 -2.97
CA ILE A 663 -0.84 23.43 -2.96
C ILE A 663 -0.42 23.82 -4.37
N VAL A 664 0.88 23.67 -4.70
CA VAL A 664 1.35 24.05 -6.03
C VAL A 664 1.22 22.92 -7.04
N SER A 665 0.70 21.78 -6.63
CA SER A 665 0.50 20.63 -7.50
C SER A 665 -0.99 20.44 -7.77
N LEU A 666 -1.32 20.19 -9.03
CA LEU A 666 -2.68 19.84 -9.36
C LEU A 666 -3.02 18.48 -8.76
N PRO A 667 -4.30 18.19 -8.57
CA PRO A 667 -4.69 16.84 -8.15
C PRO A 667 -4.19 15.77 -9.11
N GLN A 668 -3.95 14.58 -8.53
CA GLN A 668 -3.49 13.44 -9.31
CA GLN A 668 -3.50 13.43 -9.30
C GLN A 668 -4.46 13.09 -10.43
N ASP A 669 -3.90 12.61 -11.54
CA ASP A 669 -4.73 12.20 -12.66
C ASP A 669 -5.77 11.16 -12.24
N ARG A 670 -5.38 10.20 -11.38
CA ARG A 670 -6.33 9.16 -10.98
C ARG A 670 -7.37 9.70 -9.98
N TYR A 671 -7.13 10.86 -9.38
CA TYR A 671 -8.20 11.54 -8.66
C TYR A 671 -9.15 12.22 -9.65
N ILE A 672 -8.58 12.98 -10.59
CA ILE A 672 -9.37 13.73 -11.57
C ILE A 672 -10.33 12.81 -12.31
N ILE A 673 -9.87 11.63 -12.71
N ILE A 673 -9.88 11.62 -12.66
CA ILE A 673 -10.68 10.76 -13.56
CA ILE A 673 -10.63 10.77 -13.60
C ILE A 673 -11.95 10.31 -12.85
C ILE A 673 -11.99 10.37 -13.04
N ASN A 674 -12.01 10.39 -11.52
N ASN A 674 -12.11 10.25 -11.71
CA ASN A 674 -13.23 10.02 -10.84
CA ASN A 674 -13.41 9.87 -11.16
C ASN A 674 -14.36 11.02 -11.09
C ASN A 674 -14.48 10.92 -11.43
N PHE A 675 -14.07 12.15 -11.74
N PHE A 675 -14.08 12.14 -11.77
CA PHE A 675 -15.08 13.17 -11.98
CA PHE A 675 -15.03 13.24 -12.00
C PHE A 675 -15.32 13.46 -13.46
C PHE A 675 -15.25 13.54 -13.47
N VAL A 676 -14.69 12.73 -14.37
CA VAL A 676 -14.85 12.93 -15.81
C VAL A 676 -15.29 11.63 -16.46
N SER A 677 -16.35 11.71 -17.27
CA SER A 677 -16.81 10.56 -18.04
C SER A 677 -16.03 10.49 -19.35
N ASN A 678 -15.75 9.28 -19.80
CA ASN A 678 -15.14 9.06 -21.11
C ASN A 678 -13.92 9.98 -21.29
N LEU A 679 -13.02 9.91 -20.31
CA LEU A 679 -11.90 10.85 -20.24
C LEU A 679 -10.99 10.72 -21.46
N ASP A 680 -10.81 11.84 -22.14
CA ASP A 680 -9.82 11.96 -23.21
C ASP A 680 -8.53 12.44 -22.55
N THR A 681 -7.53 11.56 -22.51
N THR A 681 -7.52 11.57 -22.53
CA THR A 681 -6.28 11.87 -21.84
CA THR A 681 -6.32 11.84 -21.75
C THR A 681 -5.50 12.97 -22.55
C THR A 681 -5.54 13.01 -22.29
N ASP A 682 -5.72 13.13 -23.86
N ASP A 682 -5.47 13.17 -23.62
CA ASP A 682 -5.12 14.25 -24.58
CA ASP A 682 -4.72 14.28 -24.18
C ASP A 682 -5.68 15.57 -24.08
C ASP A 682 -5.42 15.60 -23.93
N VAL A 683 -7.01 15.64 -23.96
N VAL A 683 -6.76 15.61 -23.92
CA VAL A 683 -7.65 16.88 -23.50
CA VAL A 683 -7.50 16.81 -23.54
C VAL A 683 -7.27 17.17 -22.06
C VAL A 683 -7.22 17.16 -22.09
N LEU A 684 -7.17 16.14 -21.22
CA LEU A 684 -6.76 16.36 -19.84
C LEU A 684 -5.33 16.89 -19.79
N ALA A 685 -4.43 16.30 -20.57
CA ALA A 685 -3.06 16.82 -20.58
C ALA A 685 -3.03 18.28 -21.00
N ASP A 686 -3.80 18.64 -22.03
CA ASP A 686 -3.87 20.03 -22.44
C ASP A 686 -4.45 20.92 -21.35
N THR A 687 -5.40 20.38 -20.58
CA THR A 687 -6.03 21.13 -19.50
C THR A 687 -5.04 21.43 -18.38
N LYS A 688 -4.34 20.41 -17.92
CA LYS A 688 -3.34 20.63 -16.89
CA LYS A 688 -3.31 20.59 -16.90
C LYS A 688 -2.24 21.57 -17.37
N GLU A 689 -1.79 21.44 -18.63
CA GLU A 689 -0.73 22.30 -19.10
CA GLU A 689 -0.74 22.30 -19.16
C GLU A 689 -1.15 23.77 -19.07
N TYR A 690 -2.38 24.07 -19.48
CA TYR A 690 -2.88 25.43 -19.43
C TYR A 690 -2.92 25.98 -18.01
N ILE A 691 -3.47 25.20 -17.08
CA ILE A 691 -3.61 25.66 -15.69
C ILE A 691 -2.23 25.86 -15.06
N TYR A 692 -1.32 24.90 -15.23
CA TYR A 692 0.01 25.09 -14.65
C TYR A 692 0.67 26.35 -15.19
N LYS A 693 0.51 26.62 -16.49
CA LYS A 693 1.17 27.79 -17.04
C LYS A 693 0.46 29.09 -16.66
N GLN A 694 -0.87 29.05 -16.53
CA GLN A 694 -1.56 30.20 -15.99
C GLN A 694 -0.96 30.62 -14.65
N ILE A 695 -0.74 29.64 -13.78
CA ILE A 695 -0.26 29.94 -12.43
C ILE A 695 1.21 30.32 -12.47
N GLY A 696 2.03 29.57 -13.22
CA GLY A 696 3.44 29.90 -13.31
C GLY A 696 3.71 31.27 -13.93
N ASP A 697 2.91 31.66 -14.92
CA ASP A 697 3.11 32.96 -15.52
C ASP A 697 2.97 34.08 -14.49
N LYS A 698 2.22 33.83 -13.41
CA LYS A 698 2.11 34.79 -12.31
CA LYS A 698 2.13 34.80 -12.32
C LYS A 698 3.12 34.51 -11.19
N LEU A 699 3.43 33.25 -10.92
CA LEU A 699 4.18 32.93 -9.71
C LEU A 699 5.61 32.44 -9.92
N ASN A 700 6.10 32.33 -11.16
CA ASN A 700 7.42 31.70 -11.34
C ASN A 700 8.52 32.46 -10.60
N ASP A 701 8.45 33.79 -10.56
CA ASP A 701 9.49 34.54 -9.85
C ASP A 701 9.44 34.22 -8.35
N VAL A 702 8.25 34.03 -7.80
CA VAL A 702 8.11 33.62 -6.41
C VAL A 702 8.67 32.23 -6.21
N TYR A 703 8.37 31.33 -7.15
CA TYR A 703 8.90 29.98 -7.09
C TYR A 703 10.42 29.98 -7.07
N TYR A 704 11.02 30.78 -7.96
CA TYR A 704 12.47 30.83 -8.03
C TYR A 704 13.06 31.39 -6.75
N LYS A 705 12.51 32.51 -6.27
CA LYS A 705 13.00 33.10 -5.02
C LYS A 705 12.95 32.09 -3.87
N MET A 706 11.86 31.32 -3.78
CA MET A 706 11.77 30.33 -2.72
CA MET A 706 11.76 30.32 -2.72
C MET A 706 12.74 29.18 -2.94
N PHE A 707 12.88 28.72 -4.18
CA PHE A 707 13.83 27.66 -4.45
C PHE A 707 15.22 28.06 -3.95
N LYS A 708 15.60 29.31 -4.16
CA LYS A 708 16.91 29.76 -3.69
C LYS A 708 16.95 29.95 -2.18
N SER A 709 15.89 30.51 -1.58
CA SER A 709 15.98 30.83 -0.16
C SER A 709 15.90 29.59 0.70
N LEU A 710 15.28 28.53 0.20
CA LEU A 710 15.14 27.28 0.93
C LEU A 710 16.39 26.43 0.95
N GLU A 711 17.39 26.75 0.13
CA GLU A 711 18.52 25.84 -0.05
CA GLU A 711 18.52 25.84 -0.05
C GLU A 711 19.27 25.61 1.26
N ALA A 712 19.57 26.68 2.00
CA ALA A 712 20.42 26.54 3.17
C ALA A 712 19.85 25.51 4.14
N LYS A 713 18.55 25.62 4.45
CA LYS A 713 17.97 24.72 5.43
C LYS A 713 17.60 23.38 4.83
N ALA A 714 17.11 23.37 3.58
CA ALA A 714 16.73 22.10 2.98
C ALA A 714 17.91 21.14 2.87
N ASP A 715 19.07 21.66 2.48
CA ASP A 715 20.22 20.84 2.14
C ASP A 715 21.28 20.85 3.23
N ASP A 716 21.00 21.46 4.38
CA ASP A 716 21.95 21.43 5.49
C ASP A 716 22.33 19.99 5.79
N LEU A 717 23.62 19.76 6.07
CA LEU A 717 24.16 18.41 6.18
C LEU A 717 24.21 17.88 7.61
N THR A 718 23.58 18.55 8.57
CA THR A 718 23.43 17.97 9.91
C THR A 718 22.82 16.57 9.80
N TYR A 719 23.42 15.63 10.52
CA TYR A 719 22.99 14.23 10.61
C TYR A 719 23.19 13.45 9.31
N PHE A 720 23.91 14.00 8.33
CA PHE A 720 24.09 13.26 7.09
C PHE A 720 24.87 11.96 7.30
N ASN A 721 25.67 11.88 8.37
CA ASN A 721 26.42 10.67 8.72
C ASN A 721 25.79 9.91 9.88
N ASP A 722 24.50 10.13 10.14
CA ASP A 722 23.80 9.56 11.30
C ASP A 722 22.51 8.91 10.82
N GLU A 723 22.51 7.58 10.77
CA GLU A 723 21.35 6.82 10.33
C GLU A 723 20.36 6.57 11.44
N SER A 724 20.55 7.18 12.60
CA SER A 724 19.59 7.03 13.69
C SER A 724 18.63 8.20 13.80
N HIS A 725 18.87 9.27 13.05
CA HIS A 725 18.00 10.43 13.12
C HIS A 725 17.61 10.89 11.72
N VAL A 726 16.34 11.19 11.56
CA VAL A 726 15.76 11.68 10.31
C VAL A 726 14.94 12.91 10.65
N ASP A 727 15.17 13.99 9.93
CA ASP A 727 14.44 15.24 10.09
C ASP A 727 13.38 15.29 9.00
N PHE A 728 12.13 14.97 9.36
CA PHE A 728 11.09 14.89 8.35
C PHE A 728 10.68 16.27 7.87
N ASP A 729 10.82 17.30 8.70
CA ASP A 729 10.54 18.65 8.24
CA ASP A 729 10.54 18.66 8.25
C ASP A 729 11.55 19.10 7.20
N GLN A 730 12.84 18.83 7.44
CA GLN A 730 13.86 19.17 6.46
C GLN A 730 13.62 18.41 5.14
N MET A 731 13.27 17.13 5.23
CA MET A 731 12.95 16.39 4.02
CA MET A 731 12.92 16.38 4.04
C MET A 731 11.80 17.06 3.26
N ASN A 732 10.79 17.57 3.97
CA ASN A 732 9.71 18.26 3.28
C ASN A 732 10.19 19.54 2.62
N MET A 733 11.22 20.19 3.15
CA MET A 733 11.79 21.35 2.48
C MET A 733 12.43 20.94 1.16
N ARG A 734 13.09 19.78 1.12
CA ARG A 734 13.67 19.32 -0.13
C ARG A 734 12.59 18.94 -1.11
N THR A 735 11.52 18.32 -0.64
CA THR A 735 10.39 18.01 -1.52
C THR A 735 9.85 19.28 -2.17
N LEU A 736 9.68 20.34 -1.37
CA LEU A 736 9.20 21.61 -1.92
C LEU A 736 10.18 22.15 -2.95
N ARG A 737 11.47 22.15 -2.63
CA ARG A 737 12.45 22.66 -3.58
C ARG A 737 12.39 21.88 -4.88
N ASN A 738 12.26 20.55 -4.80
CA ASN A 738 12.28 19.75 -6.02
C ASN A 738 10.98 19.88 -6.78
N THR A 739 9.89 20.14 -6.09
CA THR A 739 8.64 20.45 -6.76
C THR A 739 8.75 21.76 -7.52
N LEU A 740 9.27 22.79 -6.86
CA LEU A 740 9.43 24.09 -7.50
C LEU A 740 10.38 24.02 -8.68
N LEU A 741 11.48 23.27 -8.54
CA LEU A 741 12.43 23.16 -9.64
C LEU A 741 11.76 22.56 -10.87
N SER A 742 10.91 21.55 -10.65
CA SER A 742 10.19 20.93 -11.76
C SER A 742 9.29 21.94 -12.46
N LEU A 743 8.52 22.70 -11.67
CA LEU A 743 7.65 23.71 -12.27
C LEU A 743 8.45 24.72 -13.08
N LEU A 744 9.60 25.15 -12.54
CA LEU A 744 10.41 26.16 -13.22
C LEU A 744 11.07 25.60 -14.45
N SER A 745 11.44 24.32 -14.42
CA SER A 745 12.09 23.70 -15.57
CA SER A 745 12.09 23.72 -15.58
C SER A 745 11.11 23.53 -16.72
N LYS A 746 9.93 23.00 -16.42
CA LYS A 746 8.90 22.88 -17.44
CA LYS A 746 8.88 22.88 -17.43
C LYS A 746 8.60 24.24 -18.07
N ALA A 747 8.59 25.30 -17.26
CA ALA A 747 8.30 26.64 -17.73
C ALA A 747 9.48 27.27 -18.48
N GLN A 748 10.63 26.61 -18.52
CA GLN A 748 11.82 27.16 -19.16
C GLN A 748 12.18 28.51 -18.55
N TYR A 749 12.12 28.58 -17.22
CA TYR A 749 12.45 29.82 -16.53
C TYR A 749 13.86 30.25 -16.90
N PRO A 750 14.09 31.55 -17.14
CA PRO A 750 15.40 31.96 -17.66
C PRO A 750 16.55 31.41 -16.83
N ASN A 751 17.48 30.75 -17.51
CA ASN A 751 18.74 30.28 -16.93
C ASN A 751 18.57 29.22 -15.84
N ILE A 752 17.39 28.60 -15.76
CA ILE A 752 17.18 27.57 -14.75
C ILE A 752 18.08 26.35 -14.97
N LEU A 753 18.60 26.15 -16.18
CA LEU A 753 19.51 25.03 -16.38
C LEU A 753 20.74 25.17 -15.48
N ASN A 754 21.17 26.40 -15.21
CA ASN A 754 22.28 26.59 -14.28
C ASN A 754 21.94 25.98 -12.92
N GLU A 755 20.72 26.22 -12.43
CA GLU A 755 20.32 25.66 -11.16
CA GLU A 755 20.32 25.66 -11.15
C GLU A 755 20.26 24.13 -11.22
N ILE A 756 19.75 23.59 -12.34
CA ILE A 756 19.67 22.14 -12.49
C ILE A 756 21.05 21.52 -12.42
N ILE A 757 22.03 22.15 -13.07
CA ILE A 757 23.36 21.56 -13.09
C ILE A 757 23.99 21.60 -11.69
N GLU A 758 23.82 22.72 -10.97
CA GLU A 758 24.33 22.76 -9.60
CA GLU A 758 24.34 22.75 -9.61
C GLU A 758 23.61 21.74 -8.72
N HIS A 759 22.29 21.60 -8.90
CA HIS A 759 21.52 20.62 -8.15
C HIS A 759 22.04 19.20 -8.36
N SER A 760 22.53 18.90 -9.57
CA SER A 760 23.07 17.57 -9.83
C SER A 760 24.33 17.26 -9.03
N LYS A 761 24.94 18.25 -8.38
CA LYS A 761 26.15 18.07 -7.57
C LYS A 761 25.84 17.91 -6.09
N SER A 762 24.58 17.92 -5.72
CA SER A 762 24.21 17.79 -4.31
C SER A 762 24.54 16.38 -3.81
N PRO A 763 24.93 16.24 -2.54
CA PRO A 763 25.12 14.90 -1.98
C PRO A 763 23.81 14.13 -1.80
N TYR A 764 22.66 14.79 -1.83
CA TYR A 764 21.38 14.13 -1.55
C TYR A 764 20.85 13.48 -2.81
N PRO A 765 20.67 12.15 -2.84
CA PRO A 765 20.07 11.53 -4.04
C PRO A 765 18.70 12.10 -4.42
N SER A 766 17.85 12.49 -3.45
CA SER A 766 16.60 13.13 -3.84
C SER A 766 16.86 14.30 -4.76
N ASN A 767 17.94 15.05 -4.50
CA ASN A 767 18.25 16.20 -5.33
C ASN A 767 18.86 15.80 -6.67
N TRP A 768 19.91 14.98 -6.66
CA TRP A 768 20.54 14.73 -7.95
C TRP A 768 19.67 13.86 -8.85
N LEU A 769 18.79 13.03 -8.30
CA LEU A 769 17.84 12.34 -9.18
C LEU A 769 16.76 13.31 -9.69
N THR A 770 16.35 14.29 -8.87
CA THR A 770 15.47 15.32 -9.39
C THR A 770 16.13 16.06 -10.55
N SER A 771 17.44 16.30 -10.48
CA SER A 771 18.10 17.04 -11.55
C SER A 771 18.00 16.27 -12.87
N LEU A 772 18.04 14.94 -12.83
CA LEU A 772 17.80 14.16 -14.03
C LEU A 772 16.38 14.38 -14.55
N SER A 773 15.38 14.22 -13.68
CA SER A 773 13.98 14.37 -14.08
CA SER A 773 13.99 14.35 -14.11
C SER A 773 13.74 15.73 -14.75
N VAL A 774 14.13 16.81 -14.07
CA VAL A 774 13.80 18.12 -14.58
C VAL A 774 14.64 18.51 -15.79
N SER A 775 15.79 17.85 -15.99
CA SER A 775 16.58 18.14 -17.16
C SER A 775 15.95 17.58 -18.44
N ALA A 776 14.85 16.83 -18.33
CA ALA A 776 14.21 16.28 -19.53
C ALA A 776 13.86 17.37 -20.52
N TYR A 777 13.63 18.59 -20.04
CA TYR A 777 13.24 19.71 -20.88
C TYR A 777 14.43 20.44 -21.48
N PHE A 778 15.63 19.89 -21.37
CA PHE A 778 16.83 20.57 -21.83
C PHE A 778 17.73 19.62 -22.59
N ASP A 779 18.68 20.19 -23.35
CA ASP A 779 19.61 19.39 -24.12
CA ASP A 779 19.60 19.36 -24.11
C ASP A 779 20.65 18.67 -23.25
N LYS A 780 20.66 18.92 -21.94
CA LYS A 780 21.61 18.26 -21.05
C LYS A 780 21.06 16.95 -20.47
N TYR A 781 19.85 16.56 -20.86
CA TYR A 781 19.23 15.36 -20.29
C TYR A 781 20.16 14.16 -20.34
N PHE A 782 20.70 13.85 -21.52
CA PHE A 782 21.45 12.60 -21.60
C PHE A 782 22.81 12.71 -20.91
N GLU A 783 23.37 13.91 -20.79
CA GLU A 783 24.57 14.08 -19.96
CA GLU A 783 24.56 14.07 -19.97
C GLU A 783 24.26 13.72 -18.51
N LEU A 784 23.14 14.23 -17.97
CA LEU A 784 22.79 13.91 -16.59
C LEU A 784 22.30 12.48 -16.43
N TYR A 785 21.70 11.92 -17.49
CA TYR A 785 21.38 10.50 -17.51
C TYR A 785 22.63 9.66 -17.23
N ASP A 786 23.73 9.96 -17.92
CA ASP A 786 24.96 9.20 -17.72
C ASP A 786 25.59 9.50 -16.35
N LYS A 787 25.58 10.77 -15.95
CA LYS A 787 26.16 11.13 -14.65
C LYS A 787 25.45 10.39 -13.52
N THR A 788 24.12 10.47 -13.49
CA THR A 788 23.38 9.85 -12.40
C THR A 788 23.38 8.33 -12.52
N TYR A 789 23.49 7.78 -13.74
CA TYR A 789 23.65 6.34 -13.86
C TYR A 789 24.92 5.90 -13.13
N LYS A 790 26.02 6.59 -13.39
CA LYS A 790 27.28 6.21 -12.76
C LYS A 790 27.22 6.39 -11.25
N LEU A 791 26.48 7.38 -10.76
CA LEU A 791 26.30 7.51 -9.32
C LEU A 791 25.41 6.42 -8.74
N SER A 792 24.59 5.74 -9.56
CA SER A 792 23.61 4.81 -9.07
C SER A 792 23.96 3.34 -9.27
N LYS A 793 24.83 3.02 -10.23
CA LYS A 793 24.89 1.66 -10.75
C LYS A 793 25.49 0.64 -9.79
N ASP A 794 26.17 1.08 -8.73
CA ASP A 794 26.85 0.16 -7.82
C ASP A 794 26.06 -0.13 -6.56
N ASP A 795 24.84 0.37 -6.45
CA ASP A 795 23.94 0.07 -5.35
C ASP A 795 22.63 -0.40 -5.98
N GLU A 796 22.24 -1.64 -5.68
CA GLU A 796 21.10 -2.25 -6.34
C GLU A 796 19.83 -1.42 -6.21
N LEU A 797 19.59 -0.88 -5.02
CA LEU A 797 18.35 -0.14 -4.79
C LEU A 797 18.40 1.26 -5.40
N LEU A 798 19.58 1.89 -5.36
CA LEU A 798 19.70 3.21 -5.98
C LEU A 798 19.54 3.10 -7.49
N LEU A 799 20.10 2.05 -8.09
CA LEU A 799 19.91 1.84 -9.52
C LEU A 799 18.44 1.70 -9.85
N GLN A 800 17.68 0.99 -9.02
CA GLN A 800 16.24 0.91 -9.24
C GLN A 800 15.58 2.28 -9.15
N GLU A 801 16.00 3.12 -8.21
CA GLU A 801 15.47 4.48 -8.14
CA GLU A 801 15.44 4.47 -8.15
C GLU A 801 15.82 5.25 -9.40
N TRP A 802 17.03 5.04 -9.91
CA TRP A 802 17.42 5.69 -11.15
C TRP A 802 16.54 5.22 -12.30
N LEU A 803 16.25 3.92 -12.36
CA LEU A 803 15.35 3.40 -13.38
C LEU A 803 13.98 4.06 -13.30
N LYS A 804 13.44 4.21 -12.09
CA LYS A 804 12.15 4.88 -11.93
C LYS A 804 12.21 6.31 -12.44
N THR A 805 13.32 7.01 -12.16
CA THR A 805 13.45 8.40 -12.57
C THR A 805 13.47 8.53 -14.09
N VAL A 806 14.19 7.62 -14.76
CA VAL A 806 14.19 7.62 -16.22
C VAL A 806 12.79 7.31 -16.74
N SER A 807 12.18 6.26 -16.19
CA SER A 807 10.88 5.79 -16.67
C SER A 807 9.84 6.89 -16.62
N ARG A 808 9.90 7.75 -15.60
CA ARG A 808 8.91 8.81 -15.40
CA ARG A 808 8.93 8.82 -15.38
C ARG A 808 9.32 10.13 -16.04
N SER A 809 10.48 10.19 -16.70
CA SER A 809 10.97 11.40 -17.32
C SER A 809 10.03 11.88 -18.42
N ASP A 810 9.77 13.19 -18.45
CA ASP A 810 8.82 13.76 -19.40
C ASP A 810 9.56 14.02 -20.71
N ARG A 811 9.83 12.94 -21.42
CA ARG A 811 10.63 12.98 -22.64
C ARG A 811 9.75 12.66 -23.84
N LYS A 812 9.95 13.41 -24.92
CA LYS A 812 9.26 13.09 -26.17
C LYS A 812 9.72 11.76 -26.73
N ASP A 813 10.98 11.40 -26.50
CA ASP A 813 11.55 10.15 -26.97
C ASP A 813 11.49 9.05 -25.91
N ILE A 814 10.48 9.07 -25.05
CA ILE A 814 10.45 8.13 -23.94
C ILE A 814 10.38 6.68 -24.44
N TYR A 815 9.71 6.42 -25.56
CA TYR A 815 9.63 5.04 -26.04
C TYR A 815 11.00 4.53 -26.44
N GLU A 816 11.82 5.38 -27.07
CA GLU A 816 13.19 4.99 -27.40
CA GLU A 816 13.17 4.96 -27.40
C GLU A 816 14.04 4.83 -26.16
N ILE A 817 13.78 5.64 -25.14
CA ILE A 817 14.53 5.52 -23.88
C ILE A 817 14.19 4.21 -23.17
N LEU A 818 12.92 3.82 -23.19
CA LEU A 818 12.56 2.53 -22.59
C LEU A 818 13.30 1.39 -23.28
N LYS A 819 13.41 1.44 -24.62
CA LYS A 819 14.18 0.41 -25.33
CA LYS A 819 14.18 0.42 -25.33
C LYS A 819 15.64 0.43 -24.89
N LYS A 820 16.21 1.61 -24.71
CA LYS A 820 17.58 1.73 -24.21
C LYS A 820 17.73 1.06 -22.85
N LEU A 821 16.78 1.31 -21.93
CA LEU A 821 16.83 0.68 -20.61
C LEU A 821 16.74 -0.84 -20.72
N GLU A 822 15.85 -1.32 -21.59
CA GLU A 822 15.72 -2.77 -21.78
C GLU A 822 17.02 -3.37 -22.25
N ASN A 823 17.65 -2.74 -23.24
CA ASN A 823 18.83 -3.32 -23.87
C ASN A 823 20.08 -3.16 -23.01
N GLU A 824 20.19 -2.09 -22.23
CA GLU A 824 21.44 -1.77 -21.56
C GLU A 824 21.43 -2.04 -20.07
N VAL A 825 20.27 -2.07 -19.42
CA VAL A 825 20.23 -2.14 -17.96
C VAL A 825 19.35 -3.28 -17.47
N LEU A 826 18.08 -3.29 -17.90
CA LEU A 826 17.15 -4.30 -17.40
C LEU A 826 17.47 -5.68 -17.96
N LYS A 827 17.63 -5.77 -19.28
CA LYS A 827 17.99 -7.03 -19.96
C LYS A 827 17.05 -8.13 -19.47
N ASP A 828 17.56 -9.27 -19.02
N ASP A 828 17.55 -9.28 -19.03
CA ASP A 828 16.75 -10.45 -18.73
CA ASP A 828 16.74 -10.45 -18.73
C ASP A 828 16.41 -10.57 -17.25
C ASP A 828 16.47 -10.59 -17.24
N SER A 829 16.52 -9.49 -16.49
CA SER A 829 16.26 -9.57 -15.06
C SER A 829 14.86 -10.10 -14.79
N LYS A 830 14.77 -11.01 -13.83
CA LYS A 830 13.49 -11.43 -13.27
C LYS A 830 13.23 -10.80 -11.90
N ASN A 831 14.02 -9.82 -11.51
CA ASN A 831 13.85 -9.14 -10.23
C ASN A 831 12.61 -8.25 -10.31
N PRO A 832 11.58 -8.48 -9.48
CA PRO A 832 10.37 -7.65 -9.57
C PRO A 832 10.66 -6.16 -9.42
N ASN A 833 11.62 -5.78 -8.57
CA ASN A 833 11.90 -4.36 -8.39
C ASN A 833 12.41 -3.74 -9.69
N ASP A 834 13.24 -4.47 -10.44
CA ASP A 834 13.76 -3.96 -11.72
C ASP A 834 12.64 -3.77 -12.73
N ILE A 835 11.79 -4.79 -12.89
CA ILE A 835 10.73 -4.74 -13.89
C ILE A 835 9.73 -3.64 -13.54
N ARG A 836 9.32 -3.58 -12.28
CA ARG A 836 8.36 -2.56 -11.87
C ARG A 836 8.95 -1.17 -12.03
N ALA A 837 10.26 -1.02 -11.79
CA ALA A 837 10.88 0.30 -11.89
C ALA A 837 10.88 0.80 -13.33
N VAL A 838 11.09 -0.10 -14.29
CA VAL A 838 11.21 0.33 -15.68
C VAL A 838 9.86 0.71 -16.26
N TYR A 839 8.80 -0.01 -15.88
CA TYR A 839 7.54 0.14 -16.60
C TYR A 839 6.46 0.92 -15.87
N LEU A 840 6.33 0.77 -14.56
CA LEU A 840 5.16 1.37 -13.92
C LEU A 840 5.20 2.90 -13.92
N PRO A 841 6.33 3.56 -13.65
CA PRO A 841 6.30 5.03 -13.69
C PRO A 841 5.90 5.57 -15.05
N PHE A 842 6.39 4.93 -16.11
CA PHE A 842 6.02 5.33 -17.47
C PHE A 842 4.52 5.23 -17.70
N THR A 843 3.84 4.25 -17.07
CA THR A 843 2.41 4.11 -17.31
C THR A 843 1.62 5.29 -16.75
N ASN A 844 2.23 6.12 -15.93
CA ASN A 844 1.58 7.32 -15.43
C ASN A 844 1.87 8.53 -16.31
N ASN A 845 2.55 8.33 -17.44
CA ASN A 845 2.81 9.40 -18.39
C ASN A 845 1.54 9.63 -19.19
N LEU A 846 0.76 10.62 -18.77
CA LEU A 846 -0.59 10.79 -19.30
C LEU A 846 -0.57 10.95 -20.81
N ARG A 847 0.36 11.76 -21.32
CA ARG A 847 0.32 12.05 -22.74
C ARG A 847 0.88 10.90 -23.58
N ARG A 848 1.90 10.19 -23.06
CA ARG A 848 2.63 9.22 -23.87
C ARG A 848 2.15 7.79 -23.67
N PHE A 849 1.91 7.37 -22.43
CA PHE A 849 1.39 6.03 -22.23
C PHE A 849 0.06 5.84 -22.96
N HIS A 850 -0.81 6.87 -22.92
CA HIS A 850 -2.11 6.83 -23.54
C HIS A 850 -2.10 7.33 -24.98
N ASP A 851 -0.95 7.28 -25.64
CA ASP A 851 -0.88 7.60 -27.06
C ASP A 851 -2.04 6.95 -27.80
N ILE A 852 -2.71 7.73 -28.65
CA ILE A 852 -3.95 7.27 -29.27
C ILE A 852 -3.71 6.11 -30.22
N SER A 853 -2.45 5.87 -30.61
CA SER A 853 -2.16 4.69 -31.41
C SER A 853 -2.33 3.40 -30.62
N GLY A 854 -2.35 3.48 -29.29
CA GLY A 854 -2.38 2.28 -28.48
C GLY A 854 -1.04 1.63 -28.24
N LYS A 855 0.06 2.26 -28.68
CA LYS A 855 1.36 1.62 -28.57
C LYS A 855 1.80 1.42 -27.13
N GLY A 856 1.36 2.28 -26.21
CA GLY A 856 1.73 2.09 -24.82
C GLY A 856 0.98 0.94 -24.20
N TYR A 857 -0.30 0.80 -24.56
CA TYR A 857 -1.06 -0.36 -24.11
C TYR A 857 -0.45 -1.64 -24.64
N LYS A 858 -0.01 -1.63 -25.90
CA LYS A 858 0.60 -2.82 -26.48
C LYS A 858 1.90 -3.14 -25.76
N LEU A 859 2.69 -2.10 -25.48
CA LEU A 859 3.97 -2.29 -24.81
CA LEU A 859 3.97 -2.30 -24.82
C LEU A 859 3.79 -2.95 -23.45
N ILE A 860 2.89 -2.42 -22.63
CA ILE A 860 2.76 -2.96 -21.28
CA ILE A 860 2.74 -2.95 -21.27
C ILE A 860 2.13 -4.35 -21.31
N ALA A 861 1.17 -4.57 -22.21
CA ALA A 861 0.58 -5.91 -22.30
C ALA A 861 1.62 -6.94 -22.70
N GLU A 862 2.55 -6.57 -23.58
CA GLU A 862 3.63 -7.50 -23.92
C GLU A 862 4.47 -7.84 -22.69
N VAL A 863 4.77 -6.84 -21.86
CA VAL A 863 5.54 -7.10 -20.64
C VAL A 863 4.75 -7.97 -19.69
N ILE A 864 3.44 -7.70 -19.56
CA ILE A 864 2.61 -8.51 -18.66
C ILE A 864 2.63 -9.97 -19.08
N THR A 865 2.40 -10.21 -20.38
CA THR A 865 2.35 -11.59 -20.86
C THR A 865 3.70 -12.29 -20.69
N LYS A 866 4.80 -11.58 -20.94
CA LYS A 866 6.13 -12.15 -20.76
CA LYS A 866 6.13 -12.15 -20.76
C LYS A 866 6.37 -12.48 -19.30
N THR A 867 6.05 -11.55 -18.40
CA THR A 867 6.28 -11.77 -16.99
C THR A 867 5.39 -12.86 -16.43
N ASP A 868 4.17 -13.01 -16.95
CA ASP A 868 3.26 -14.00 -16.41
C ASP A 868 3.81 -15.42 -16.53
N LYS A 869 4.76 -15.63 -17.44
CA LYS A 869 5.32 -16.95 -17.63
C LYS A 869 6.28 -17.35 -16.52
N PHE A 870 6.72 -16.43 -15.67
CA PHE A 870 7.56 -16.79 -14.55
C PHE A 870 7.14 -16.16 -13.22
N ASN A 871 6.35 -15.10 -13.22
CA ASN A 871 5.90 -14.48 -11.97
C ASN A 871 4.50 -13.92 -12.14
N PRO A 872 3.48 -14.76 -11.92
CA PRO A 872 2.09 -14.30 -12.09
C PRO A 872 1.68 -13.14 -11.21
N MET A 873 2.21 -13.08 -9.98
CA MET A 873 1.85 -11.99 -9.09
CA MET A 873 1.84 -11.98 -9.09
C MET A 873 2.33 -10.65 -9.66
N VAL A 874 3.58 -10.61 -10.11
CA VAL A 874 4.10 -9.36 -10.66
C VAL A 874 3.41 -9.03 -11.98
N ALA A 875 3.12 -10.03 -12.80
CA ALA A 875 2.39 -9.75 -14.04
C ALA A 875 1.07 -9.07 -13.74
N THR A 876 0.34 -9.54 -12.72
CA THR A 876 -0.94 -8.92 -12.41
CA THR A 876 -0.94 -8.92 -12.41
C THR A 876 -0.74 -7.52 -11.83
N GLN A 877 0.30 -7.31 -11.04
CA GLN A 877 0.61 -5.96 -10.57
C GLN A 877 0.82 -5.02 -11.76
N LEU A 878 1.45 -5.53 -12.83
CA LEU A 878 1.74 -4.70 -13.99
C LEU A 878 0.48 -4.34 -14.79
N CYS A 879 -0.66 -4.96 -14.47
CA CYS A 879 -1.93 -4.65 -15.11
CA CYS A 879 -1.89 -4.63 -15.17
C CYS A 879 -2.56 -3.37 -14.62
N GLU A 880 -1.94 -2.74 -13.62
CA GLU A 880 -2.57 -1.61 -12.93
CA GLU A 880 -2.60 -1.63 -12.93
C GLU A 880 -3.12 -0.55 -13.87
N PRO A 881 -2.39 -0.11 -14.91
CA PRO A 881 -2.96 0.94 -15.75
C PRO A 881 -4.25 0.55 -16.44
N PHE A 882 -4.53 -0.74 -16.61
CA PHE A 882 -5.77 -1.11 -17.26
C PHE A 882 -6.99 -0.97 -16.36
N LYS A 883 -6.81 -0.69 -15.07
CA LYS A 883 -7.95 -0.69 -14.16
CA LYS A 883 -7.96 -0.70 -14.16
C LYS A 883 -8.96 0.39 -14.51
N LEU A 884 -8.53 1.47 -15.16
CA LEU A 884 -9.43 2.56 -15.51
C LEU A 884 -9.95 2.46 -16.95
N TRP A 885 -9.84 1.29 -17.57
CA TRP A 885 -10.10 1.19 -19.01
C TRP A 885 -11.50 1.68 -19.36
N ASN A 886 -12.50 1.39 -18.54
CA ASN A 886 -13.88 1.73 -18.91
C ASN A 886 -14.24 3.16 -18.52
N LYS A 887 -13.28 3.96 -18.08
CA LYS A 887 -13.49 5.36 -17.77
CA LYS A 887 -13.47 5.37 -17.76
CA LYS A 887 -13.50 5.36 -17.78
C LYS A 887 -12.92 6.29 -18.84
N LEU A 888 -12.27 5.73 -19.87
CA LEU A 888 -11.61 6.53 -20.87
C LEU A 888 -12.54 6.77 -22.06
N ASP A 889 -12.08 7.59 -22.99
CA ASP A 889 -12.84 7.87 -24.19
C ASP A 889 -13.03 6.58 -24.99
N THR A 890 -14.03 6.61 -25.89
CA THR A 890 -14.46 5.40 -26.58
C THR A 890 -13.30 4.67 -27.26
N LYS A 891 -12.43 5.42 -27.92
CA LYS A 891 -11.36 4.78 -28.68
C LYS A 891 -10.35 4.11 -27.77
N ARG A 892 -9.97 4.78 -26.69
CA ARG A 892 -8.98 4.19 -25.80
C ARG A 892 -9.57 3.01 -25.05
N GLN A 893 -10.87 3.05 -24.73
N GLN A 893 -10.88 3.04 -24.77
CA GLN A 893 -11.53 1.90 -24.13
CA GLN A 893 -11.52 1.91 -24.12
C GLN A 893 -11.32 0.67 -25.01
C GLN A 893 -11.42 0.66 -24.98
N GLU A 894 -11.63 0.81 -26.31
CA GLU A 894 -11.52 -0.32 -27.22
C GLU A 894 -10.07 -0.78 -27.34
N LEU A 895 -9.13 0.16 -27.44
CA LEU A 895 -7.72 -0.24 -27.52
C LEU A 895 -7.32 -1.04 -26.29
N MET A 896 -7.68 -0.56 -25.11
CA MET A 896 -7.32 -1.25 -23.88
C MET A 896 -8.01 -2.61 -23.80
N LEU A 897 -9.29 -2.67 -24.16
CA LEU A 897 -10.01 -3.93 -24.12
C LEU A 897 -9.41 -4.94 -25.09
N ASN A 898 -8.97 -4.48 -26.26
CA ASN A 898 -8.38 -5.41 -27.21
CA ASN A 898 -8.36 -5.40 -27.22
C ASN A 898 -7.09 -6.02 -26.65
N GLU A 899 -6.27 -5.22 -25.96
CA GLU A 899 -5.04 -5.77 -25.38
C GLU A 899 -5.35 -6.73 -24.23
N MET A 900 -6.36 -6.40 -23.40
CA MET A 900 -6.72 -7.33 -22.33
C MET A 900 -7.25 -8.63 -22.89
N ASN A 901 -8.08 -8.58 -23.94
CA ASN A 901 -8.58 -9.82 -24.50
C ASN A 901 -7.48 -10.61 -25.18
N THR A 902 -6.50 -9.92 -25.77
CA THR A 902 -5.34 -10.64 -26.30
C THR A 902 -4.56 -11.33 -25.19
N MET A 903 -4.33 -10.64 -24.08
CA MET A 903 -3.67 -11.29 -22.94
C MET A 903 -4.46 -12.51 -22.46
N LEU A 904 -5.79 -12.41 -22.43
CA LEU A 904 -6.61 -13.53 -21.99
C LEU A 904 -6.51 -14.73 -22.92
N GLN A 905 -6.10 -14.53 -24.17
CA GLN A 905 -5.96 -15.61 -25.12
C GLN A 905 -4.62 -16.32 -25.02
N GLU A 906 -3.69 -15.83 -24.20
CA GLU A 906 -2.36 -16.40 -24.17
C GLU A 906 -2.41 -17.83 -23.61
N PRO A 907 -1.84 -18.81 -24.30
CA PRO A 907 -1.78 -20.16 -23.74
C PRO A 907 -1.09 -20.20 -22.38
N ASN A 908 -1.63 -21.02 -21.47
CA ASN A 908 -1.05 -21.25 -20.16
C ASN A 908 -1.01 -20.00 -19.30
N ILE A 909 -1.88 -19.04 -19.58
CA ILE A 909 -2.04 -17.88 -18.71
C ILE A 909 -2.27 -18.35 -17.28
N SER A 910 -1.68 -17.63 -16.33
CA SER A 910 -1.80 -17.97 -14.93
C SER A 910 -3.24 -17.75 -14.44
N ASN A 911 -3.61 -18.48 -13.39
CA ASN A 911 -4.88 -18.22 -12.75
C ASN A 911 -4.95 -16.80 -12.21
N ASN A 912 -3.82 -16.29 -11.69
CA ASN A 912 -3.79 -14.92 -11.17
C ASN A 912 -4.23 -13.93 -12.23
N LEU A 913 -3.58 -13.99 -13.39
CA LEU A 913 -3.81 -13.00 -14.43
C LEU A 913 -5.18 -13.21 -15.07
N LYS A 914 -5.55 -14.47 -15.30
CA LYS A 914 -6.86 -14.75 -15.89
C LYS A 914 -7.99 -14.22 -15.02
N GLU A 915 -7.97 -14.53 -13.71
CA GLU A 915 -9.01 -14.03 -12.82
C GLU A 915 -9.06 -12.50 -12.88
N TYR A 916 -7.90 -11.87 -12.80
CA TYR A 916 -7.85 -10.42 -12.75
C TYR A 916 -8.46 -9.82 -14.01
N LEU A 917 -8.08 -10.32 -15.18
CA LEU A 917 -8.56 -9.73 -16.41
C LEU A 917 -10.03 -10.09 -16.68
N LEU A 918 -10.46 -11.29 -16.29
CA LEU A 918 -11.88 -11.61 -16.44
C LEU A 918 -12.75 -10.71 -15.57
N ARG A 919 -12.36 -10.50 -14.31
CA ARG A 919 -13.13 -9.60 -13.47
C ARG A 919 -13.10 -8.18 -14.01
N LEU A 920 -11.93 -7.73 -14.45
CA LEU A 920 -11.79 -6.34 -14.89
C LEU A 920 -12.60 -6.05 -16.15
N THR A 921 -12.79 -7.07 -17.00
CA THR A 921 -13.60 -6.92 -18.20
C THR A 921 -15.02 -7.44 -18.01
N ASN A 922 -15.45 -7.66 -16.77
CA ASN A 922 -16.83 -8.00 -16.45
C ASN A 922 -17.23 -9.35 -17.04
N LYS A 923 -16.29 -10.30 -17.00
CA LYS A 923 -16.58 -11.69 -17.33
C LYS A 923 -16.62 -12.60 -16.10
N LEU A 924 -16.29 -12.07 -14.92
CA LEU A 924 -16.26 -12.86 -13.71
C LEU A 924 -16.67 -11.98 -12.53
#